data_5VN5
#
_entry.id   5VN5
#
_cell.length_a   60.020
_cell.length_b   195.361
_cell.length_c   178.249
_cell.angle_alpha   90.000
_cell.angle_beta   90.000
_cell.angle_gamma   90.000
#
_symmetry.space_group_name_H-M   'C 2 2 21'
#
loop_
_entity.id
_entity.type
_entity.pdbx_description
1 polymer "2,2',3-trihydroxy-3'-methoxy-5,5'-dicarboxybiphenyl meta-cleavage compound hydrolase"
2 non-polymer 'ZINC ION'
3 non-polymer 'CHLORIDE ION'
4 water water
#
_entity_poly.entity_id   1
_entity_poly.type   'polypeptide(L)'
_entity_poly.pdbx_seq_one_letter_code
;MIIDCHGHVSAPVELWAYKASLLAHRGSHGRGGVKVTDEQIIAAAHHKETWPDGHIELLHNHGTDMQLISPRPFQMMNSA
KPARVVHWFCEEVNTLIHRQCTLIPEMFIPVAGLPQVAGEPIENVFAEMDRCVSMGFKGFLLNPDPYENGAEEAPPLGDR
YWYPLYEKLCELDLPAHIHATGSQSERSPYSLHFINEETIATYNLCTSSVFDDFPQLKVVVSHGGGAIPYQLGRFESQSR
RSKHLFSERMAKLYFDTVLYTEGALRLLIETVGPERCLFGSECPGVGSTIDPATGKQMDHIAPFIQKFDFLSDADKKLIF
EDNARKVFNLEVENLYFQ
;
_entity_poly.pdbx_strand_id   A,B,C
#
loop_
_chem_comp.id
_chem_comp.type
_chem_comp.name
_chem_comp.formula
CL non-polymer 'CHLORIDE ION' 'Cl -1'
ZN non-polymer 'ZINC ION' 'Zn 2'
#
# COMPACT_ATOMS: atom_id res chain seq x y z
N MET A 1 -17.32 32.98 2.40
CA MET A 1 -17.59 31.67 1.79
C MET A 1 -16.59 30.66 2.33
N ILE A 2 -16.83 29.39 2.03
CA ILE A 2 -15.96 28.31 2.45
C ILE A 2 -15.45 27.61 1.21
N ILE A 3 -14.13 27.65 1.02
CA ILE A 3 -13.43 26.94 -0.06
C ILE A 3 -12.65 25.81 0.57
N ASP A 4 -12.89 24.58 0.10
CA ASP A 4 -12.25 23.37 0.62
C ASP A 4 -11.08 23.04 -0.32
N CYS A 5 -9.85 23.18 0.15
CA CYS A 5 -8.71 23.04 -0.75
C CYS A 5 -8.26 21.60 -0.96
N HIS A 6 -8.94 20.60 -0.39
CA HIS A 6 -8.46 19.21 -0.46
C HIS A 6 -9.66 18.29 -0.67
N GLY A 7 -10.03 18.09 -1.93
CA GLY A 7 -10.97 17.06 -2.29
C GLY A 7 -10.39 16.24 -3.43
N HIS A 8 -10.97 15.05 -3.64
CA HIS A 8 -10.55 14.20 -4.74
C HIS A 8 -11.75 13.83 -5.60
N VAL A 9 -11.47 13.67 -6.89
CA VAL A 9 -12.54 13.58 -7.88
C VAL A 9 -13.42 12.38 -7.62
N SER A 10 -14.73 12.59 -7.73
CA SER A 10 -15.69 11.49 -7.83
C SER A 10 -15.91 11.26 -9.33
N ALA A 11 -15.33 10.18 -9.85
CA ALA A 11 -15.27 9.94 -11.28
C ALA A 11 -16.22 8.82 -11.68
N PRO A 12 -16.67 8.82 -12.94
CA PRO A 12 -17.35 7.63 -13.45
C PRO A 12 -16.47 6.41 -13.28
N VAL A 13 -17.10 5.27 -13.00
CA VAL A 13 -16.36 4.02 -12.82
C VAL A 13 -15.48 3.70 -14.04
N GLU A 14 -15.86 4.22 -15.21
CA GLU A 14 -15.06 3.98 -16.43
C GLU A 14 -13.61 4.41 -16.24
N LEU A 15 -13.36 5.45 -15.47
CA LEU A 15 -11.98 5.92 -15.28
C LEU A 15 -11.11 4.83 -14.65
N TRP A 16 -11.59 4.24 -13.56
CA TRP A 16 -10.81 3.23 -12.83
C TRP A 16 -10.69 1.95 -13.65
N ALA A 17 -11.74 1.59 -14.40
CA ALA A 17 -11.63 0.44 -15.29
C ALA A 17 -10.60 0.69 -16.40
N TYR A 18 -10.45 1.94 -16.83
CA TYR A 18 -9.44 2.26 -17.83
C TYR A 18 -8.05 2.00 -17.27
N LYS A 19 -7.82 2.35 -16.02
CA LYS A 19 -6.55 2.01 -15.38
C LYS A 19 -6.30 0.51 -15.42
N ALA A 20 -7.29 -0.29 -15.04
CA ALA A 20 -7.11 -1.74 -15.00
C ALA A 20 -6.77 -2.29 -16.38
N SER A 21 -7.36 -1.73 -17.43
CA SER A 21 -7.10 -2.20 -18.78
C SER A 21 -5.70 -1.78 -19.26
N LEU A 22 -5.30 -0.53 -18.99
CA LEU A 22 -3.94 -0.09 -19.29
C LEU A 22 -2.93 -1.05 -18.67
N LEU A 23 -3.14 -1.39 -17.40
CA LEU A 23 -2.24 -2.30 -16.72
C LEU A 23 -2.30 -3.69 -17.33
N ALA A 24 -3.47 -4.10 -17.80
CA ALA A 24 -3.62 -5.45 -18.34
C ALA A 24 -2.91 -5.60 -19.68
N HIS A 25 -3.09 -4.63 -20.58
CA HIS A 25 -2.46 -4.73 -21.90
C HIS A 25 -1.15 -3.94 -22.00
N ARG A 26 -0.81 -3.14 -20.99
CA ARG A 26 0.49 -2.49 -20.87
C ARG A 26 0.78 -1.54 -22.02
N GLY A 27 -0.25 -1.01 -22.66
CA GLY A 27 -0.11 -0.16 -23.82
C GLY A 27 -0.18 -0.85 -25.16
N SER A 28 -0.26 -2.19 -25.20
CA SER A 28 -0.29 -2.87 -26.49
C SER A 28 -1.51 -2.49 -27.32
N HIS A 29 -2.53 -1.88 -26.71
CA HIS A 29 -3.65 -1.35 -27.46
C HIS A 29 -3.48 0.11 -27.80
N GLY A 30 -2.35 0.71 -27.42
CA GLY A 30 -2.19 2.14 -27.54
C GLY A 30 -2.83 2.87 -26.38
N ARG A 31 -2.74 4.21 -26.42
N ARG A 31 -2.75 4.20 -26.46
CA ARG A 31 -3.22 5.01 -25.31
CA ARG A 31 -3.20 5.07 -25.37
C ARG A 31 -4.72 4.86 -25.15
C ARG A 31 -4.70 4.93 -25.16
N GLY A 32 -5.47 5.00 -26.23
CA GLY A 32 -6.92 4.99 -26.13
C GLY A 32 -7.36 6.14 -25.25
N GLY A 33 -8.34 5.91 -24.41
CA GLY A 33 -8.79 6.96 -23.53
C GLY A 33 -10.09 6.58 -22.88
N VAL A 34 -10.44 7.37 -21.89
CA VAL A 34 -11.68 7.17 -21.15
C VAL A 34 -12.84 7.69 -21.98
N LYS A 35 -13.82 6.83 -22.23
CA LYS A 35 -15.00 7.18 -23.01
C LYS A 35 -16.16 7.33 -22.02
N VAL A 36 -16.49 8.57 -21.65
CA VAL A 36 -17.66 8.84 -20.81
C VAL A 36 -18.32 10.13 -21.28
N THR A 37 -19.65 10.17 -21.17
CA THR A 37 -20.41 11.34 -21.55
C THR A 37 -20.38 12.39 -20.45
N ASP A 38 -20.72 13.63 -20.82
CA ASP A 38 -20.89 14.68 -19.82
C ASP A 38 -21.90 14.26 -18.76
N GLU A 39 -22.98 13.59 -19.19
CA GLU A 39 -24.02 13.17 -18.27
C GLU A 39 -23.51 12.17 -17.25
N GLN A 40 -22.63 11.26 -17.67
CA GLN A 40 -22.03 10.30 -16.74
C GLN A 40 -21.10 11.01 -15.76
N ILE A 41 -20.41 12.06 -16.22
CA ILE A 41 -19.49 12.78 -15.36
C ILE A 41 -20.26 13.51 -14.26
N ILE A 42 -21.38 14.14 -14.64
CA ILE A 42 -22.24 14.80 -13.66
C ILE A 42 -22.82 13.77 -12.70
N ALA A 43 -23.34 12.67 -13.24
CA ALA A 43 -23.96 11.66 -12.39
C ALA A 43 -22.99 11.20 -11.31
N ALA A 44 -21.70 11.07 -11.67
CA ALA A 44 -20.71 10.59 -10.71
C ALA A 44 -20.58 11.54 -9.52
N ALA A 45 -20.81 12.84 -9.72
CA ALA A 45 -20.72 13.80 -8.61
C ALA A 45 -21.94 13.75 -7.69
N HIS A 46 -23.03 13.11 -8.10
CA HIS A 46 -24.23 12.97 -7.26
C HIS A 46 -24.39 11.59 -6.66
N HIS A 47 -23.58 10.63 -7.08
CA HIS A 47 -23.70 9.24 -6.68
C HIS A 47 -23.11 9.02 -5.28
N LYS A 48 -23.85 8.28 -4.45
CA LYS A 48 -23.43 8.07 -3.06
C LYS A 48 -22.05 7.42 -2.98
N GLU A 49 -21.80 6.38 -3.78
CA GLU A 49 -20.56 5.60 -3.70
C GLU A 49 -20.56 4.91 -2.34
N THR A 50 -19.45 4.91 -1.61
CA THR A 50 -19.38 4.31 -0.28
C THR A 50 -19.63 5.32 0.84
N TRP A 51 -20.27 6.44 0.53
CA TRP A 51 -20.39 7.57 1.45
C TRP A 51 -21.83 7.75 1.93
N PRO A 52 -22.04 8.60 2.94
CA PRO A 52 -23.40 8.81 3.44
C PRO A 52 -24.31 9.57 2.46
N ASP A 53 -23.73 10.26 1.47
CA ASP A 53 -24.51 10.98 0.47
C ASP A 53 -23.60 11.27 -0.70
N GLY A 54 -24.17 11.83 -1.76
CA GLY A 54 -23.36 12.16 -2.92
C GLY A 54 -22.38 13.27 -2.63
N HIS A 55 -21.36 13.37 -3.49
CA HIS A 55 -20.29 14.34 -3.31
C HIS A 55 -20.83 15.77 -3.25
N ILE A 56 -21.66 16.14 -4.23
CA ILE A 56 -22.28 17.47 -4.24
C ILE A 56 -23.17 17.67 -3.00
N GLU A 57 -23.97 16.66 -2.68
CA GLU A 57 -24.92 16.82 -1.58
C GLU A 57 -24.19 16.99 -0.25
N LEU A 58 -23.09 16.26 -0.05
CA LEU A 58 -22.30 16.39 1.18
C LEU A 58 -21.71 17.78 1.32
N LEU A 59 -21.12 18.31 0.24
CA LEU A 59 -20.56 19.65 0.33
C LEU A 59 -21.65 20.67 0.66
N HIS A 60 -22.84 20.53 0.05
CA HIS A 60 -23.95 21.40 0.42
C HIS A 60 -24.28 21.26 1.90
N ASN A 61 -24.39 20.02 2.38
CA ASN A 61 -24.77 19.78 3.77
C ASN A 61 -23.78 20.41 4.73
N HIS A 62 -22.49 20.41 4.37
CA HIS A 62 -21.45 20.93 5.25
C HIS A 62 -21.22 22.43 5.10
N GLY A 63 -21.92 23.09 4.17
CA GLY A 63 -21.74 24.51 3.98
C GLY A 63 -20.50 24.86 3.18
N THR A 64 -19.92 23.90 2.47
CA THR A 64 -18.78 24.18 1.62
C THR A 64 -19.27 24.70 0.28
N ASP A 65 -18.77 25.87 -0.11
CA ASP A 65 -19.26 26.48 -1.35
C ASP A 65 -18.53 25.95 -2.57
N MET A 66 -17.21 25.77 -2.47
CA MET A 66 -16.41 25.26 -3.58
C MET A 66 -15.31 24.34 -3.04
N GLN A 67 -14.87 23.42 -3.89
CA GLN A 67 -13.83 22.48 -3.49
C GLN A 67 -12.86 22.31 -4.65
N LEU A 68 -11.57 22.32 -4.33
CA LEU A 68 -10.51 22.02 -5.28
C LEU A 68 -10.39 20.51 -5.37
N ILE A 69 -10.64 19.93 -6.54
CA ILE A 69 -10.61 18.48 -6.69
C ILE A 69 -9.42 18.09 -7.53
N SER A 70 -8.69 17.12 -7.01
CA SER A 70 -7.49 16.55 -7.59
C SER A 70 -7.68 15.06 -7.82
N PRO A 71 -6.75 14.38 -8.49
CA PRO A 71 -6.83 12.92 -8.62
C PRO A 71 -6.93 12.26 -7.27
N ARG A 72 -7.54 11.08 -7.23
CA ARG A 72 -7.49 10.22 -6.04
C ARG A 72 -6.06 9.69 -5.95
N PRO A 73 -5.24 10.13 -4.98
CA PRO A 73 -3.81 9.82 -5.07
C PRO A 73 -3.48 8.35 -5.00
N PHE A 74 -4.22 7.55 -4.21
CA PHE A 74 -3.86 6.15 -4.05
C PHE A 74 -4.03 5.36 -5.36
N GLN A 75 -4.66 5.93 -6.38
CA GLN A 75 -4.82 5.25 -7.67
C GLN A 75 -3.74 5.61 -8.67
N MET A 76 -2.84 6.54 -8.37
CA MET A 76 -2.00 7.10 -9.42
C MET A 76 -0.77 6.27 -9.78
N MET A 77 -0.48 5.18 -9.06
CA MET A 77 0.45 4.11 -9.45
C MET A 77 1.78 4.61 -10.02
N ASN A 78 2.44 5.49 -9.27
N ASN A 78 2.43 5.49 -9.26
CA ASN A 78 3.66 6.11 -9.75
CA ASN A 78 3.66 6.12 -9.73
C ASN A 78 4.81 5.12 -9.87
C ASN A 78 4.80 5.14 -9.86
N SER A 79 4.73 3.97 -9.21
CA SER A 79 5.75 2.94 -9.32
C SER A 79 5.40 1.88 -10.36
N ALA A 80 4.28 2.03 -11.08
CA ALA A 80 3.88 0.99 -12.01
C ALA A 80 4.73 1.03 -13.27
N LYS A 81 4.75 -0.10 -13.97
CA LYS A 81 5.44 -0.23 -15.23
C LYS A 81 4.44 -0.73 -16.29
N PRO A 82 4.65 -0.36 -17.57
CA PRO A 82 5.71 0.51 -18.07
C PRO A 82 5.36 1.98 -17.79
N ALA A 83 6.38 2.83 -17.90
CA ALA A 83 6.24 4.25 -17.57
C ALA A 83 5.06 4.89 -18.31
N ARG A 84 4.83 4.50 -19.56
CA ARG A 84 3.85 5.23 -20.36
C ARG A 84 2.45 5.15 -19.75
N VAL A 85 2.12 4.04 -19.06
CA VAL A 85 0.77 3.93 -18.50
C VAL A 85 0.61 4.88 -17.34
N VAL A 86 1.70 5.17 -16.60
CA VAL A 86 1.60 6.16 -15.52
C VAL A 86 1.24 7.51 -16.11
N HIS A 87 1.95 7.90 -17.18
CA HIS A 87 1.69 9.16 -17.86
C HIS A 87 0.28 9.21 -18.44
N TRP A 88 -0.11 8.16 -19.17
CA TRP A 88 -1.41 8.14 -19.82
C TRP A 88 -2.54 8.23 -18.79
N PHE A 89 -2.45 7.44 -17.73
CA PHE A 89 -3.51 7.48 -16.73
C PHE A 89 -3.59 8.84 -16.08
N CYS A 90 -2.44 9.43 -15.74
CA CYS A 90 -2.46 10.74 -15.12
C CYS A 90 -3.14 11.74 -16.05
N GLU A 91 -2.80 11.69 -17.34
CA GLU A 91 -3.38 12.61 -18.30
C GLU A 91 -4.89 12.43 -18.37
N GLU A 92 -5.37 11.18 -18.43
CA GLU A 92 -6.81 10.95 -18.50
C GLU A 92 -7.53 11.43 -17.24
N VAL A 93 -6.93 11.22 -16.05
CA VAL A 93 -7.59 11.71 -14.83
C VAL A 93 -7.73 13.23 -14.88
N ASN A 94 -6.63 13.92 -15.21
CA ASN A 94 -6.66 15.37 -15.31
C ASN A 94 -7.70 15.84 -16.33
N THR A 95 -7.75 15.20 -17.50
CA THR A 95 -8.76 15.60 -18.48
C THR A 95 -10.15 15.42 -17.92
N LEU A 96 -10.39 14.33 -17.21
CA LEU A 96 -11.70 14.12 -16.62
C LEU A 96 -12.02 15.18 -15.58
N ILE A 97 -11.04 15.54 -14.77
CA ILE A 97 -11.26 16.59 -13.78
C ILE A 97 -11.59 17.90 -14.49
N HIS A 98 -10.87 18.22 -15.56
CA HIS A 98 -11.17 19.43 -16.31
C HIS A 98 -12.61 19.43 -16.79
N ARG A 99 -13.05 18.33 -17.39
CA ARG A 99 -14.42 18.24 -17.87
C ARG A 99 -15.42 18.44 -16.73
N GLN A 100 -15.21 17.78 -15.59
CA GLN A 100 -16.19 17.90 -14.51
C GLN A 100 -16.27 19.32 -13.97
N CYS A 101 -15.11 19.99 -13.80
CA CYS A 101 -15.11 21.37 -13.33
C CYS A 101 -15.74 22.30 -14.36
N THR A 102 -15.57 22.01 -15.65
CA THR A 102 -16.25 22.80 -16.67
C THR A 102 -17.76 22.59 -16.61
N LEU A 103 -18.20 21.37 -16.28
CA LEU A 103 -19.63 21.08 -16.25
C LEU A 103 -20.29 21.55 -14.96
N ILE A 104 -19.53 21.63 -13.88
CA ILE A 104 -20.03 22.01 -12.57
C ILE A 104 -19.12 23.10 -12.03
N PRO A 105 -19.01 24.25 -12.72
CA PRO A 105 -18.09 25.31 -12.27
C PRO A 105 -18.54 26.00 -11.00
N GLU A 106 -19.80 25.84 -10.61
CA GLU A 106 -20.27 26.45 -9.37
C GLU A 106 -19.71 25.75 -8.14
N MET A 107 -19.08 24.59 -8.28
CA MET A 107 -18.67 23.86 -7.10
C MET A 107 -17.22 23.39 -7.13
N PHE A 108 -16.71 23.00 -8.30
CA PHE A 108 -15.46 22.26 -8.39
C PHE A 108 -14.39 23.07 -9.11
N ILE A 109 -13.19 23.11 -8.54
CA ILE A 109 -12.06 23.82 -9.10
C ILE A 109 -10.96 22.81 -9.38
N PRO A 110 -10.32 22.82 -10.55
CA PRO A 110 -9.39 21.73 -10.92
C PRO A 110 -7.97 21.88 -10.36
N VAL A 111 -7.47 20.77 -9.79
CA VAL A 111 -6.07 20.65 -9.36
C VAL A 111 -5.52 19.37 -9.97
N ALA A 112 -4.30 19.43 -10.50
CA ALA A 112 -3.80 18.38 -11.37
C ALA A 112 -2.91 17.36 -10.65
N GLY A 113 -2.91 16.14 -11.18
CA GLY A 113 -1.86 15.19 -10.85
C GLY A 113 -0.65 15.44 -11.74
N LEU A 114 0.52 15.09 -11.20
CA LEU A 114 1.73 15.06 -12.02
C LEU A 114 2.04 13.63 -12.42
N PRO A 115 2.42 13.39 -13.68
CA PRO A 115 2.75 12.01 -14.10
C PRO A 115 4.16 11.63 -13.69
N GLN A 116 4.38 11.60 -12.37
CA GLN A 116 5.67 11.22 -11.82
C GLN A 116 5.87 9.72 -11.94
N VAL A 117 6.89 9.33 -12.68
CA VAL A 117 7.33 7.94 -12.77
C VAL A 117 8.57 7.79 -11.91
N ALA A 118 8.53 6.85 -10.97
CA ALA A 118 9.68 6.61 -10.12
C ALA A 118 10.94 6.48 -10.96
N GLY A 119 11.93 7.33 -10.67
CA GLY A 119 13.21 7.28 -11.32
C GLY A 119 13.35 8.18 -12.54
N GLU A 120 12.26 8.75 -13.03
CA GLU A 120 12.37 9.63 -14.17
C GLU A 120 12.78 11.04 -13.71
N PRO A 121 13.56 11.74 -14.53
CA PRO A 121 13.82 13.16 -14.24
C PRO A 121 12.51 13.90 -14.11
N ILE A 122 12.48 14.86 -13.17
CA ILE A 122 11.25 15.57 -12.86
C ILE A 122 10.80 16.39 -14.05
N GLU A 123 11.73 16.77 -14.94
CA GLU A 123 11.35 17.49 -16.15
C GLU A 123 10.31 16.74 -16.98
N ASN A 124 10.17 15.43 -16.79
CA ASN A 124 9.21 14.65 -17.57
C ASN A 124 7.76 14.97 -17.23
N VAL A 125 7.49 15.74 -16.18
CA VAL A 125 6.11 16.14 -15.90
C VAL A 125 5.76 17.49 -16.50
N PHE A 126 6.72 18.19 -17.13
CA PHE A 126 6.49 19.58 -17.48
C PHE A 126 5.47 19.72 -18.62
N ALA A 127 5.49 18.79 -19.57
CA ALA A 127 4.52 18.87 -20.67
C ALA A 127 3.09 18.77 -20.16
N GLU A 128 2.83 17.85 -19.22
CA GLU A 128 1.48 17.74 -18.68
C GLU A 128 1.15 18.94 -17.81
N MET A 129 2.13 19.45 -17.05
CA MET A 129 1.90 20.71 -16.36
C MET A 129 1.40 21.79 -17.34
N ASP A 130 2.09 21.96 -18.47
CA ASP A 130 1.69 22.99 -19.43
C ASP A 130 0.29 22.75 -19.97
N ARG A 131 -0.04 21.49 -20.29
CA ARG A 131 -1.40 21.23 -20.76
C ARG A 131 -2.41 21.62 -19.69
N CYS A 132 -2.09 21.31 -18.42
CA CYS A 132 -3.02 21.61 -17.33
C CYS A 132 -3.15 23.11 -17.11
N VAL A 133 -2.04 23.85 -17.19
CA VAL A 133 -2.13 25.30 -17.10
C VAL A 133 -3.10 25.84 -18.15
N SER A 134 -2.96 25.35 -19.39
CA SER A 134 -3.81 25.81 -20.48
C SER A 134 -5.27 25.50 -20.22
N MET A 135 -5.53 24.44 -19.46
CA MET A 135 -6.88 24.06 -19.11
C MET A 135 -7.41 24.80 -17.88
N GLY A 136 -6.62 25.69 -17.28
CA GLY A 136 -7.07 26.44 -16.13
C GLY A 136 -6.86 25.76 -14.80
N PHE A 137 -6.00 24.74 -14.74
CA PHE A 137 -5.69 24.10 -13.46
C PHE A 137 -4.98 25.10 -12.54
N LYS A 138 -5.17 24.91 -11.23
CA LYS A 138 -4.78 25.91 -10.23
C LYS A 138 -3.71 25.42 -9.27
N GLY A 139 -3.20 24.22 -9.50
CA GLY A 139 -2.17 23.67 -8.64
C GLY A 139 -1.87 22.25 -9.08
N PHE A 140 -0.92 21.65 -8.37
CA PHE A 140 -0.41 20.32 -8.69
C PHE A 140 -0.14 19.54 -7.42
N LEU A 141 -0.64 18.30 -7.38
CA LEU A 141 -0.25 17.35 -6.34
C LEU A 141 1.19 16.89 -6.57
N LEU A 142 2.00 17.00 -5.53
CA LEU A 142 3.40 16.62 -5.60
C LEU A 142 3.64 15.44 -4.68
N ASN A 143 4.16 14.36 -5.25
CA ASN A 143 4.36 13.12 -4.54
C ASN A 143 5.81 12.99 -4.13
N PRO A 144 6.15 13.04 -2.84
CA PRO A 144 7.57 12.89 -2.47
C PRO A 144 8.07 11.47 -2.56
N ASP A 145 7.18 10.48 -2.80
CA ASP A 145 7.56 9.08 -2.89
C ASP A 145 6.90 8.39 -4.08
N PRO A 146 7.31 8.74 -5.30
CA PRO A 146 6.81 8.03 -6.48
C PRO A 146 7.21 6.55 -6.52
N TYR A 147 8.15 6.12 -5.67
CA TYR A 147 8.46 4.71 -5.53
C TYR A 147 7.41 3.93 -4.73
N GLU A 148 6.45 4.62 -4.11
CA GLU A 148 5.32 4.02 -3.40
C GLU A 148 5.76 2.96 -2.39
N ASN A 149 6.62 3.41 -1.48
CA ASN A 149 7.12 2.60 -0.38
C ASN A 149 7.70 1.29 -0.90
N GLY A 150 8.63 1.41 -1.85
CA GLY A 150 9.31 0.27 -2.41
C GLY A 150 10.69 0.08 -1.81
N ALA A 151 11.50 -0.74 -2.48
CA ALA A 151 12.86 -1.01 -2.00
C ALA A 151 13.75 0.22 -2.13
N GLU A 152 13.43 1.11 -3.06
CA GLU A 152 14.16 2.32 -3.31
C GLU A 152 13.32 3.54 -2.97
N GLU A 153 13.98 4.69 -2.92
CA GLU A 153 13.29 5.95 -2.64
C GLU A 153 13.91 7.03 -3.49
N ALA A 154 13.15 8.09 -3.64
CA ALA A 154 13.56 9.26 -4.39
C ALA A 154 14.45 10.15 -3.53
N PRO A 155 15.08 11.16 -4.12
CA PRO A 155 15.87 12.08 -3.33
C PRO A 155 15.00 12.89 -2.39
N PRO A 156 15.54 13.38 -1.27
CA PRO A 156 14.76 14.27 -0.40
C PRO A 156 14.38 15.52 -1.18
N LEU A 157 13.36 16.23 -0.70
CA LEU A 157 12.85 17.36 -1.46
C LEU A 157 13.83 18.52 -1.58
N GLY A 158 14.89 18.55 -0.77
CA GLY A 158 15.90 19.59 -0.89
C GLY A 158 16.94 19.31 -1.95
N ASP A 159 16.88 18.11 -2.54
CA ASP A 159 17.85 17.70 -3.54
C ASP A 159 17.58 18.44 -4.85
N ARG A 160 18.67 18.72 -5.58
CA ARG A 160 18.58 19.47 -6.83
C ARG A 160 17.80 18.70 -7.89
N TYR A 161 17.61 17.38 -7.72
CA TYR A 161 16.69 16.64 -8.56
C TYR A 161 15.36 17.36 -8.71
N TRP A 162 14.87 17.96 -7.65
CA TRP A 162 13.57 18.61 -7.68
C TRP A 162 13.64 20.07 -8.12
N TYR A 163 14.83 20.68 -8.18
CA TYR A 163 14.91 22.11 -8.43
C TYR A 163 14.26 22.55 -9.75
N PRO A 164 14.31 21.78 -10.84
CA PRO A 164 13.63 22.24 -12.06
C PRO A 164 12.13 22.41 -11.88
N LEU A 165 11.52 21.61 -11.00
CA LEU A 165 10.09 21.73 -10.75
C LEU A 165 9.79 22.96 -9.90
N TYR A 166 10.59 23.21 -8.85
CA TYR A 166 10.41 24.42 -8.07
C TYR A 166 10.54 25.65 -8.96
N GLU A 167 11.52 25.65 -9.87
CA GLU A 167 11.66 26.76 -10.80
C GLU A 167 10.40 26.93 -11.65
N LYS A 168 9.87 25.84 -12.20
CA LYS A 168 8.67 25.96 -13.03
C LYS A 168 7.48 26.43 -12.21
N LEU A 169 7.33 25.91 -10.98
CA LEU A 169 6.19 26.29 -10.16
C LEU A 169 6.22 27.77 -9.83
N CYS A 170 7.42 28.32 -9.58
CA CYS A 170 7.54 29.75 -9.36
C CYS A 170 7.25 30.53 -10.64
N GLU A 171 7.70 30.04 -11.79
CA GLU A 171 7.37 30.70 -13.05
C GLU A 171 5.86 30.78 -13.23
N LEU A 172 5.15 29.70 -12.93
CA LEU A 172 3.68 29.67 -13.07
C LEU A 172 2.98 30.39 -11.93
N ASP A 173 3.69 30.68 -10.85
CA ASP A 173 3.11 31.07 -9.58
C ASP A 173 1.96 30.16 -9.16
N LEU A 174 2.19 28.85 -9.30
CA LEU A 174 1.20 27.86 -8.85
C LEU A 174 1.79 26.95 -7.77
N PRO A 175 0.95 26.46 -6.86
CA PRO A 175 1.46 25.70 -5.73
C PRO A 175 1.64 24.20 -6.02
N ALA A 176 2.52 23.61 -5.23
CA ALA A 176 2.57 22.16 -5.04
C ALA A 176 1.79 21.78 -3.79
N HIS A 177 0.97 20.74 -3.90
CA HIS A 177 0.19 20.22 -2.79
C HIS A 177 0.76 18.85 -2.45
N ILE A 178 1.51 18.77 -1.35
CA ILE A 178 2.22 17.54 -1.03
C ILE A 178 1.19 16.45 -0.76
N HIS A 179 1.31 15.33 -1.48
CA HIS A 179 0.40 14.20 -1.30
C HIS A 179 1.09 12.97 -1.85
N ALA A 180 1.31 11.97 -0.99
CA ALA A 180 1.82 10.71 -1.43
C ALA A 180 0.70 9.93 -2.14
N THR A 181 1.08 8.85 -2.80
CA THR A 181 0.09 8.06 -3.54
C THR A 181 -0.05 6.70 -2.89
N GLY A 182 0.34 5.62 -3.54
CA GLY A 182 0.18 4.29 -2.98
C GLY A 182 1.36 3.86 -2.11
N SER A 183 1.23 2.66 -1.53
CA SER A 183 2.24 2.06 -0.67
C SER A 183 2.30 0.56 -0.90
N GLN A 184 3.48 0.05 -1.19
CA GLN A 184 3.69 -1.38 -1.38
C GLN A 184 3.99 -2.12 -0.07
N SER A 185 3.78 -1.49 1.07
CA SER A 185 4.14 -2.07 2.36
C SER A 185 2.96 -2.77 3.01
N GLU A 186 3.21 -3.96 3.56
CA GLU A 186 2.24 -4.62 4.42
C GLU A 186 2.17 -4.00 5.80
N ARG A 187 3.22 -3.28 6.22
CA ARG A 187 3.28 -2.62 7.51
C ARG A 187 2.56 -1.27 7.51
N SER A 188 2.77 -0.48 6.45
N SER A 188 2.69 -0.52 6.43
CA SER A 188 2.17 0.86 6.33
CA SER A 188 2.18 0.84 6.35
C SER A 188 1.28 0.89 5.11
C SER A 188 1.28 0.95 5.12
N PRO A 189 -0.02 0.69 5.25
CA PRO A 189 -0.94 0.91 4.13
C PRO A 189 -1.01 2.39 3.76
N TYR A 190 -1.69 2.65 2.64
CA TYR A 190 -1.56 3.96 2.00
C TYR A 190 -2.06 5.09 2.89
N SER A 191 -3.12 4.86 3.67
CA SER A 191 -3.68 5.96 4.47
C SER A 191 -2.74 6.37 5.59
N LEU A 192 -1.94 5.44 6.12
CA LEU A 192 -0.88 5.77 7.07
C LEU A 192 0.36 6.32 6.35
N HIS A 193 0.70 5.72 5.21
CA HIS A 193 1.84 6.19 4.42
C HIS A 193 1.70 7.66 4.06
N PHE A 194 0.49 8.12 3.76
CA PHE A 194 0.26 9.56 3.50
C PHE A 194 0.93 10.41 4.57
N ILE A 195 0.67 10.06 5.83
CA ILE A 195 1.08 10.86 6.98
C ILE A 195 2.60 10.82 7.14
N ASN A 196 3.19 9.63 7.04
CA ASN A 196 4.63 9.52 7.17
C ASN A 196 5.34 10.29 6.08
N GLU A 197 4.80 10.25 4.86
CA GLU A 197 5.42 10.96 3.75
C GLU A 197 5.26 12.47 3.89
N GLU A 198 4.12 12.95 4.39
CA GLU A 198 4.00 14.37 4.70
C GLU A 198 5.05 14.79 5.71
N THR A 199 5.29 13.94 6.71
CA THR A 199 6.30 14.24 7.73
C THR A 199 7.68 14.35 7.13
N ILE A 200 8.07 13.36 6.30
CA ILE A 200 9.38 13.40 5.67
C ILE A 200 9.50 14.62 4.74
N ALA A 201 8.47 14.85 3.92
CA ALA A 201 8.53 15.97 2.97
C ALA A 201 8.69 17.29 3.68
N THR A 202 7.90 17.49 4.75
CA THR A 202 7.99 18.74 5.49
C THR A 202 9.37 18.89 6.12
N TYR A 203 9.86 17.82 6.73
CA TYR A 203 11.18 17.84 7.34
C TYR A 203 12.26 18.21 6.33
N ASN A 204 12.23 17.56 5.15
CA ASN A 204 13.19 17.87 4.08
C ASN A 204 13.15 19.36 3.75
N LEU A 205 11.95 19.92 3.57
CA LEU A 205 11.81 21.31 3.19
C LEU A 205 12.27 22.27 4.28
N CYS A 206 12.18 21.87 5.53
CA CYS A 206 12.56 22.77 6.61
C CYS A 206 13.99 22.59 7.09
N THR A 207 14.75 21.65 6.48
CA THR A 207 16.15 21.44 6.81
C THR A 207 17.05 21.57 5.58
N SER A 208 16.57 22.22 4.52
CA SER A 208 17.34 22.44 3.30
C SER A 208 17.17 23.89 2.89
N SER A 209 17.79 24.25 1.76
N SER A 209 17.79 24.25 1.76
CA SER A 209 17.84 25.64 1.30
CA SER A 209 17.83 25.64 1.31
C SER A 209 16.76 25.95 0.28
C SER A 209 16.77 25.94 0.25
N VAL A 210 15.75 25.09 0.13
CA VAL A 210 14.73 25.28 -0.91
C VAL A 210 14.15 26.69 -0.85
N PHE A 211 13.67 27.11 0.33
CA PHE A 211 13.05 28.44 0.41
C PHE A 211 14.04 29.59 0.39
N ASP A 212 15.35 29.34 0.57
CA ASP A 212 16.33 30.36 0.23
C ASP A 212 16.46 30.51 -1.27
N ASP A 213 16.46 29.39 -2.00
CA ASP A 213 16.64 29.44 -3.44
C ASP A 213 15.35 29.77 -4.18
N PHE A 214 14.19 29.47 -3.59
CA PHE A 214 12.88 29.73 -4.19
C PHE A 214 11.99 30.40 -3.14
N PRO A 215 12.25 31.68 -2.84
CA PRO A 215 11.51 32.34 -1.74
C PRO A 215 10.02 32.40 -1.98
N GLN A 216 9.58 32.37 -3.23
CA GLN A 216 8.17 32.47 -3.57
C GLN A 216 7.51 31.13 -3.81
N LEU A 217 8.21 30.03 -3.60
CA LEU A 217 7.61 28.71 -3.84
C LEU A 217 6.46 28.48 -2.85
N LYS A 218 5.32 28.04 -3.39
CA LYS A 218 4.11 27.82 -2.63
C LYS A 218 3.90 26.31 -2.49
N VAL A 219 3.93 25.83 -1.25
CA VAL A 219 3.78 24.41 -0.93
C VAL A 219 2.70 24.29 0.13
N VAL A 220 1.67 23.50 -0.15
CA VAL A 220 0.64 23.19 0.82
C VAL A 220 0.88 21.74 1.24
N VAL A 221 1.12 21.50 2.53
CA VAL A 221 1.34 20.15 3.04
C VAL A 221 0.00 19.57 3.49
N SER A 222 -0.34 18.39 2.99
CA SER A 222 -1.61 17.76 3.32
C SER A 222 -1.67 17.30 4.77
N HIS A 223 -2.91 17.14 5.25
CA HIS A 223 -3.21 16.53 6.55
C HIS A 223 -2.48 17.22 7.70
N GLY A 224 -2.55 18.54 7.73
CA GLY A 224 -1.95 19.30 8.81
C GLY A 224 -0.48 19.01 9.06
N GLY A 225 0.24 18.62 8.02
CA GLY A 225 1.68 18.46 8.10
C GLY A 225 2.15 17.12 8.61
N GLY A 226 1.34 16.08 8.50
CA GLY A 226 1.72 14.76 9.00
C GLY A 226 1.89 14.79 10.51
N ALA A 227 3.11 14.49 10.98
CA ALA A 227 3.45 14.53 12.39
C ALA A 227 4.06 15.85 12.83
N ILE A 228 4.41 16.73 11.88
CA ILE A 228 5.38 17.79 12.19
C ILE A 228 4.89 18.76 13.25
N PRO A 229 3.68 19.33 13.15
CA PRO A 229 3.29 20.30 14.20
C PRO A 229 3.26 19.69 15.58
N TYR A 230 2.88 18.42 15.69
CA TYR A 230 2.91 17.72 16.97
C TYR A 230 4.33 17.44 17.43
N GLN A 231 5.25 17.12 16.50
CA GLN A 231 6.61 16.76 16.86
C GLN A 231 7.61 17.92 16.68
N LEU A 232 7.11 19.14 16.50
CA LEU A 232 7.96 20.27 16.12
C LEU A 232 9.09 20.50 17.12
N GLY A 233 8.80 20.38 18.41
CA GLY A 233 9.80 20.71 19.42
C GLY A 233 11.16 20.07 19.18
N ARG A 234 11.18 18.74 18.94
CA ARG A 234 12.46 18.03 18.80
C ARG A 234 13.21 18.47 17.55
N PHE A 235 12.51 18.73 16.46
CA PHE A 235 13.17 19.19 15.25
C PHE A 235 13.63 20.64 15.37
N GLU A 236 12.87 21.49 16.05
CA GLU A 236 13.36 22.83 16.31
C GLU A 236 14.65 22.77 17.13
N SER A 237 14.62 21.97 18.20
CA SER A 237 15.77 21.86 19.09
C SER A 237 17.01 21.44 18.31
N GLN A 238 16.87 20.38 17.51
CA GLN A 238 18.02 19.88 16.74
C GLN A 238 18.51 20.92 15.75
N SER A 239 17.63 21.81 15.29
CA SER A 239 18.04 22.83 14.33
C SER A 239 18.76 23.99 15.00
N ARG A 240 18.69 24.12 16.32
CA ARG A 240 19.43 25.20 16.99
C ARG A 240 20.92 24.98 16.82
N ARG A 241 21.33 23.74 16.61
CA ARG A 241 22.73 23.42 16.39
C ARG A 241 23.19 23.72 14.97
N SER A 242 22.32 24.26 14.12
CA SER A 242 22.57 24.34 12.68
C SER A 242 22.41 25.77 12.18
N LYS A 243 22.31 25.90 10.85
CA LYS A 243 22.29 27.16 10.12
C LYS A 243 21.06 28.01 10.44
N HIS A 244 19.89 27.57 9.99
CA HIS A 244 18.63 28.27 10.21
C HIS A 244 17.72 27.38 11.01
N LEU A 245 16.83 28.00 11.79
CA LEU A 245 15.93 27.23 12.63
C LEU A 245 14.91 26.51 11.75
N PHE A 246 14.56 25.31 12.18
CA PHE A 246 13.45 24.59 11.56
C PHE A 246 12.23 25.48 11.43
N SER A 247 11.90 26.23 12.49
CA SER A 247 10.68 27.04 12.47
C SER A 247 10.76 28.14 11.42
N GLU A 248 11.96 28.59 11.10
CA GLU A 248 12.06 29.70 10.15
C GLU A 248 11.79 29.26 8.73
N ARG A 249 12.11 28.00 8.40
CA ARG A 249 11.70 27.46 7.12
C ARG A 249 10.25 27.04 7.14
N MET A 250 9.82 26.37 8.20
CA MET A 250 8.41 25.98 8.33
C MET A 250 7.47 27.18 8.18
N ALA A 251 7.88 28.36 8.62
CA ALA A 251 7.05 29.55 8.44
C ALA A 251 6.69 29.80 6.98
N LYS A 252 7.46 29.26 6.02
CA LYS A 252 7.19 29.48 4.60
C LYS A 252 6.10 28.58 4.07
N LEU A 253 5.81 27.49 4.78
CA LEU A 253 4.91 26.43 4.34
C LEU A 253 3.47 26.77 4.67
N TYR A 254 2.57 26.34 3.78
CA TYR A 254 1.15 26.29 4.05
C TYR A 254 0.77 24.87 4.45
N PHE A 255 -0.32 24.76 5.23
CA PHE A 255 -0.82 23.47 5.68
C PHE A 255 -2.33 23.44 5.46
N ASP A 256 -2.86 22.31 4.97
CA ASP A 256 -4.32 22.21 4.93
C ASP A 256 -4.82 21.65 6.28
N THR A 257 -6.13 21.77 6.53
CA THR A 257 -6.70 21.37 7.81
C THR A 257 -7.38 20.00 7.79
N VAL A 258 -6.88 19.04 7.00
CA VAL A 258 -7.52 17.74 6.93
C VAL A 258 -7.10 16.95 8.17
N LEU A 259 -7.78 17.27 9.27
CA LEU A 259 -7.60 16.68 10.58
C LEU A 259 -9.00 16.54 11.17
N TYR A 260 -9.31 15.39 11.76
CA TYR A 260 -10.69 15.12 12.16
C TYR A 260 -10.89 15.10 13.67
N THR A 261 -9.99 15.70 14.45
CA THR A 261 -10.22 15.93 15.86
C THR A 261 -10.03 17.41 16.16
N GLU A 262 -10.88 17.93 17.04
CA GLU A 262 -10.79 19.33 17.42
C GLU A 262 -9.42 19.66 18.00
N GLY A 263 -8.87 18.78 18.85
CA GLY A 263 -7.59 19.07 19.49
C GLY A 263 -6.47 19.18 18.48
N ALA A 264 -6.51 18.36 17.42
CA ALA A 264 -5.48 18.42 16.40
C ALA A 264 -5.61 19.69 15.58
N LEU A 265 -6.84 20.07 15.21
CA LEU A 265 -7.03 21.34 14.52
C LEU A 265 -6.52 22.52 15.36
N ARG A 266 -6.82 22.53 16.66
CA ARG A 266 -6.33 23.60 17.52
C ARG A 266 -4.80 23.67 17.49
N LEU A 267 -4.14 22.53 17.65
CA LEU A 267 -2.68 22.52 17.67
C LEU A 267 -2.09 23.00 16.35
N LEU A 268 -2.63 22.52 15.22
CA LEU A 268 -2.14 23.00 13.93
C LEU A 268 -2.22 24.52 13.86
N ILE A 269 -3.41 25.07 14.13
CA ILE A 269 -3.61 26.50 13.93
C ILE A 269 -2.80 27.30 14.94
N GLU A 270 -2.73 26.84 16.19
CA GLU A 270 -1.90 27.55 17.16
C GLU A 270 -0.42 27.46 16.83
N THR A 271 0.00 26.42 16.10
CA THR A 271 1.42 26.23 15.81
C THR A 271 1.86 27.07 14.61
N VAL A 272 1.10 27.03 13.51
CA VAL A 272 1.52 27.70 12.29
C VAL A 272 0.76 29.00 12.02
N GLY A 273 -0.35 29.25 12.70
CA GLY A 273 -1.08 30.49 12.57
C GLY A 273 -2.16 30.43 11.50
N PRO A 274 -3.23 31.21 11.68
CA PRO A 274 -4.26 31.25 10.63
C PRO A 274 -3.75 31.68 9.27
N GLU A 275 -2.63 32.40 9.21
CA GLU A 275 -2.08 32.90 7.94
C GLU A 275 -1.49 31.79 7.07
N ARG A 276 -1.28 30.60 7.61
CA ARG A 276 -0.65 29.53 6.85
C ARG A 276 -1.53 28.28 6.80
N CYS A 277 -2.78 28.37 7.24
CA CYS A 277 -3.72 27.24 7.24
C CYS A 277 -4.81 27.43 6.17
N LEU A 278 -5.00 26.39 5.37
CA LEU A 278 -6.06 26.37 4.35
C LEU A 278 -7.08 25.30 4.72
N PHE A 279 -8.32 25.72 4.93
CA PHE A 279 -9.37 24.73 5.17
C PHE A 279 -9.35 23.67 4.07
N GLY A 280 -9.33 22.41 4.49
CA GLY A 280 -9.58 21.29 3.60
C GLY A 280 -10.13 20.14 4.41
N SER A 281 -10.88 19.26 3.74
CA SER A 281 -11.59 18.20 4.47
C SER A 281 -11.46 16.79 3.91
N GLU A 282 -11.06 16.60 2.65
N GLU A 282 -11.06 16.62 2.65
CA GLU A 282 -11.03 15.28 2.01
CA GLU A 282 -11.07 15.34 1.95
C GLU A 282 -12.43 14.66 1.92
C GLU A 282 -12.43 14.66 2.04
N CYS A 283 -13.48 15.47 2.02
CA CYS A 283 -14.85 14.96 1.91
C CYS A 283 -15.27 14.90 0.44
N PRO A 284 -15.78 13.76 -0.04
CA PRO A 284 -16.00 12.49 0.64
C PRO A 284 -14.75 11.63 0.64
N GLY A 285 -14.59 10.82 1.67
CA GLY A 285 -13.38 10.06 1.76
C GLY A 285 -13.25 9.37 3.09
N VAL A 286 -12.00 9.32 3.57
CA VAL A 286 -11.60 8.57 4.76
C VAL A 286 -12.44 8.98 5.96
N GLY A 287 -12.73 10.26 6.06
CA GLY A 287 -13.43 10.80 7.19
C GLY A 287 -14.92 10.80 7.07
N SER A 288 -15.47 10.25 5.99
CA SER A 288 -16.91 10.28 5.77
C SER A 288 -17.60 9.13 6.51
N THR A 289 -17.43 9.15 7.83
CA THR A 289 -18.10 8.21 8.73
C THR A 289 -18.76 9.02 9.83
N ILE A 290 -19.74 8.40 10.49
CA ILE A 290 -20.51 9.08 11.51
C ILE A 290 -19.94 8.71 12.87
N ASP A 291 -19.74 9.72 13.71
CA ASP A 291 -19.44 9.47 15.11
C ASP A 291 -20.72 9.06 15.82
N PRO A 292 -20.84 7.84 16.36
CA PRO A 292 -22.14 7.43 16.93
C PRO A 292 -22.52 8.17 18.20
N ALA A 293 -21.57 8.88 18.84
CA ALA A 293 -21.85 9.63 20.05
C ALA A 293 -22.40 11.02 19.78
N THR A 294 -22.11 11.58 18.60
CA THR A 294 -22.61 12.90 18.22
C THR A 294 -23.45 12.91 16.94
N GLY A 295 -23.44 11.85 16.15
CA GLY A 295 -24.12 11.87 14.88
C GLY A 295 -23.47 12.73 13.81
N LYS A 296 -22.37 13.42 14.12
CA LYS A 296 -21.70 14.29 13.16
C LYS A 296 -20.76 13.47 12.28
N GLN A 297 -20.69 13.85 11.01
CA GLN A 297 -19.72 13.24 10.11
C GLN A 297 -18.33 13.78 10.45
N MET A 298 -17.34 12.90 10.47
CA MET A 298 -16.05 13.27 11.03
C MET A 298 -15.35 14.32 10.18
N ASP A 299 -15.58 14.32 8.87
CA ASP A 299 -14.93 15.27 7.97
C ASP A 299 -15.73 16.55 7.83
N HIS A 300 -16.79 16.73 8.64
CA HIS A 300 -17.52 18.00 8.73
C HIS A 300 -16.83 18.83 9.81
N ILE A 301 -15.70 19.41 9.43
CA ILE A 301 -14.83 20.03 10.44
C ILE A 301 -14.88 21.55 10.44
N ALA A 302 -15.51 22.18 9.45
CA ALA A 302 -15.67 23.64 9.50
C ALA A 302 -16.22 24.13 10.83
N PRO A 303 -17.23 23.49 11.44
CA PRO A 303 -17.76 24.07 12.70
C PRO A 303 -16.71 24.19 13.80
N PHE A 304 -15.77 23.24 13.90
CA PHE A 304 -14.70 23.35 14.90
C PHE A 304 -13.94 24.66 14.75
N ILE A 305 -13.60 25.02 13.51
CA ILE A 305 -12.82 26.21 13.23
C ILE A 305 -13.68 27.46 13.40
N GLN A 306 -14.94 27.40 12.96
CA GLN A 306 -15.83 28.53 13.18
C GLN A 306 -15.98 28.84 14.67
N LYS A 307 -15.93 27.83 15.52
CA LYS A 307 -16.21 28.05 16.94
C LYS A 307 -14.96 28.31 17.77
N PHE A 308 -13.77 28.18 17.21
CA PHE A 308 -12.57 28.47 18.00
C PHE A 308 -12.62 29.93 18.46
N ASP A 309 -12.53 30.15 19.77
CA ASP A 309 -12.65 31.51 20.30
C ASP A 309 -11.33 32.27 20.31
N PHE A 310 -10.22 31.63 19.99
CA PHE A 310 -8.94 32.33 19.87
C PHE A 310 -8.68 32.87 18.46
N LEU A 311 -9.62 32.70 17.54
CA LEU A 311 -9.51 33.20 16.17
C LEU A 311 -10.47 34.35 15.96
N SER A 312 -10.00 35.42 15.31
CA SER A 312 -10.89 36.51 14.93
C SER A 312 -11.70 36.13 13.69
N ASP A 313 -12.71 36.94 13.36
CA ASP A 313 -13.42 36.71 12.09
C ASP A 313 -12.45 36.81 10.92
N ALA A 314 -11.50 37.75 10.99
CA ALA A 314 -10.51 37.87 9.93
C ALA A 314 -9.68 36.61 9.81
N ASP A 315 -9.22 36.05 10.94
CA ASP A 315 -8.48 34.79 10.89
C ASP A 315 -9.31 33.71 10.21
N LYS A 316 -10.57 33.59 10.60
CA LYS A 316 -11.40 32.53 10.04
C LYS A 316 -11.57 32.73 8.54
N LYS A 317 -11.71 33.98 8.10
CA LYS A 317 -11.84 34.23 6.66
C LYS A 317 -10.56 33.82 5.92
N LEU A 318 -9.39 34.03 6.54
CA LEU A 318 -8.14 33.55 5.96
C LEU A 318 -8.19 32.04 5.74
N ILE A 319 -8.63 31.31 6.75
CA ILE A 319 -8.58 29.86 6.71
C ILE A 319 -9.60 29.32 5.72
N PHE A 320 -10.78 29.93 5.69
CA PHE A 320 -11.88 29.39 4.92
C PHE A 320 -11.86 29.82 3.47
N GLU A 321 -11.23 30.94 3.12
CA GLU A 321 -11.24 31.34 1.71
C GLU A 321 -10.01 32.11 1.23
N ASP A 322 -9.53 33.09 2.01
CA ASP A 322 -8.52 34.02 1.47
C ASP A 322 -7.20 33.32 1.17
N ASN A 323 -6.78 32.40 2.04
CA ASN A 323 -5.50 31.74 1.79
C ASN A 323 -5.57 30.90 0.53
N ALA A 324 -6.63 30.09 0.37
CA ALA A 324 -6.79 29.33 -0.86
C ALA A 324 -6.84 30.24 -2.07
N ARG A 325 -7.57 31.36 -1.99
CA ARG A 325 -7.66 32.27 -3.14
C ARG A 325 -6.29 32.78 -3.55
N LYS A 326 -5.43 33.11 -2.58
CA LYS A 326 -4.08 33.55 -2.90
C LYS A 326 -3.21 32.40 -3.37
N VAL A 327 -3.22 31.28 -2.64
CA VAL A 327 -2.27 30.22 -2.92
C VAL A 327 -2.58 29.56 -4.26
N PHE A 328 -3.85 29.26 -4.52
CA PHE A 328 -4.26 28.63 -5.76
C PHE A 328 -4.66 29.64 -6.85
N ASN A 329 -4.33 30.92 -6.68
CA ASN A 329 -4.58 31.96 -7.69
C ASN A 329 -6.01 31.87 -8.24
N LEU A 330 -6.96 31.81 -7.32
CA LEU A 330 -8.37 31.77 -7.70
C LEU A 330 -8.85 33.21 -7.89
N GLU A 331 -9.43 33.48 -9.04
CA GLU A 331 -9.90 34.84 -9.32
C GLU A 331 -11.39 34.95 -9.02
N VAL A 332 -11.82 36.16 -8.67
CA VAL A 332 -13.21 36.42 -8.30
C VAL A 332 -14.16 35.96 -9.42
N MET B 1 7.62 13.00 43.70
CA MET B 1 8.67 12.20 43.06
C MET B 1 8.47 12.23 41.54
N ILE B 2 9.56 12.43 40.81
CA ILE B 2 9.53 12.45 39.35
C ILE B 2 10.40 11.30 38.87
N ILE B 3 9.79 10.37 38.12
CA ILE B 3 10.49 9.27 37.47
C ILE B 3 10.42 9.51 35.96
N ASP B 4 11.57 9.56 35.31
CA ASP B 4 11.71 9.82 33.88
C ASP B 4 11.88 8.46 33.20
N CYS B 5 10.86 8.03 32.46
CA CYS B 5 10.87 6.69 31.88
C CYS B 5 11.65 6.60 30.58
N HIS B 6 12.22 7.68 30.06
CA HIS B 6 12.87 7.64 28.75
C HIS B 6 14.20 8.39 28.82
N GLY B 7 15.25 7.68 29.25
CA GLY B 7 16.60 8.17 29.12
C GLY B 7 17.48 7.11 28.49
N HIS B 8 18.57 7.56 27.86
CA HIS B 8 19.53 6.66 27.27
C HIS B 8 20.89 6.82 27.95
N VAL B 9 21.56 5.67 28.09
CA VAL B 9 22.77 5.57 28.89
C VAL B 9 23.83 6.54 28.39
N SER B 10 24.44 7.27 29.32
CA SER B 10 25.67 8.03 29.07
C SER B 10 26.84 7.08 29.38
N ALA B 11 27.47 6.57 28.32
CA ALA B 11 28.44 5.50 28.45
C ALA B 11 29.85 6.01 28.26
N PRO B 12 30.83 5.39 28.90
CA PRO B 12 32.23 5.73 28.60
C PRO B 12 32.52 5.45 27.13
N VAL B 13 33.43 6.27 26.58
CA VAL B 13 33.77 6.18 25.16
C VAL B 13 34.14 4.76 24.75
N GLU B 14 34.70 3.98 25.69
CA GLU B 14 35.13 2.63 25.36
C GLU B 14 34.01 1.77 24.78
N LEU B 15 32.78 2.03 25.17
CA LEU B 15 31.67 1.24 24.64
C LEU B 15 31.52 1.42 23.13
N TRP B 16 31.51 2.67 22.67
CA TRP B 16 31.31 2.92 21.25
C TRP B 16 32.52 2.47 20.46
N ALA B 17 33.71 2.55 21.05
CA ALA B 17 34.90 2.03 20.41
C ALA B 17 34.80 0.52 20.25
N TYR B 18 34.31 -0.18 21.29
CA TYR B 18 34.07 -1.61 21.17
C TYR B 18 33.19 -1.92 19.96
N LYS B 19 32.15 -1.11 19.72
CA LYS B 19 31.30 -1.31 18.54
C LYS B 19 32.12 -1.23 17.26
N ALA B 20 32.86 -0.13 17.07
CA ALA B 20 33.71 0.03 15.90
C ALA B 20 34.60 -1.18 15.68
N SER B 21 35.29 -1.63 16.73
CA SER B 21 36.20 -2.76 16.61
C SER B 21 35.46 -4.03 16.21
N LEU B 22 34.31 -4.29 16.82
CA LEU B 22 33.51 -5.46 16.47
C LEU B 22 33.13 -5.44 14.99
N LEU B 23 32.66 -4.29 14.50
CA LEU B 23 32.33 -4.19 13.08
C LEU B 23 33.56 -4.40 12.21
N ALA B 24 34.73 -3.96 12.69
CA ALA B 24 35.94 -4.02 11.89
C ALA B 24 36.46 -5.44 11.73
N HIS B 25 36.51 -6.21 12.83
CA HIS B 25 36.97 -7.60 12.74
C HIS B 25 35.84 -8.62 12.61
N ARG B 26 34.57 -8.21 12.80
CA ARG B 26 33.40 -9.05 12.50
C ARG B 26 33.39 -10.35 13.32
N GLY B 27 33.98 -10.33 14.52
CA GLY B 27 34.09 -11.51 15.34
C GLY B 27 35.36 -12.30 15.18
N SER B 28 36.18 -12.01 14.17
CA SER B 28 37.41 -12.77 13.97
C SER B 28 38.36 -12.64 15.15
N HIS B 29 38.18 -11.63 16.01
CA HIS B 29 38.98 -11.49 17.22
C HIS B 29 38.32 -12.13 18.43
N GLY B 30 37.16 -12.76 18.25
CA GLY B 30 36.36 -13.21 19.38
C GLY B 30 35.41 -12.14 19.89
N ARG B 31 34.47 -12.58 20.72
CA ARG B 31 33.49 -11.67 21.30
C ARG B 31 34.17 -10.61 22.18
N GLY B 32 35.16 -11.01 22.96
CA GLY B 32 35.83 -10.05 23.81
C GLY B 32 34.86 -9.38 24.75
N GLY B 33 35.03 -8.08 24.93
CA GLY B 33 34.16 -7.33 25.81
C GLY B 33 34.68 -5.94 26.06
N VAL B 34 33.80 -5.07 26.55
CA VAL B 34 34.20 -3.72 26.91
C VAL B 34 35.05 -3.78 28.17
N LYS B 35 36.20 -3.14 28.13
CA LYS B 35 37.16 -3.13 29.24
C LYS B 35 37.16 -1.70 29.79
N VAL B 36 36.49 -1.51 30.93
CA VAL B 36 36.32 -0.16 31.45
C VAL B 36 36.11 -0.27 32.96
N THR B 37 36.68 0.68 33.70
CA THR B 37 36.58 0.66 35.15
C THR B 37 35.34 1.42 35.63
N ASP B 38 35.16 1.49 36.94
CA ASP B 38 33.99 2.15 37.50
C ASP B 38 34.14 3.67 37.52
N GLU B 39 35.31 4.18 37.91
CA GLU B 39 35.52 5.62 37.81
C GLU B 39 35.24 6.11 36.40
N GLN B 40 35.58 5.31 35.38
CA GLN B 40 35.32 5.66 34.00
C GLN B 40 33.81 5.70 33.70
N ILE B 41 33.06 4.77 34.30
CA ILE B 41 31.63 4.73 34.06
C ILE B 41 30.93 5.87 34.78
N ILE B 42 31.27 6.10 36.06
CA ILE B 42 30.73 7.26 36.77
C ILE B 42 31.06 8.54 36.03
N ALA B 43 32.34 8.73 35.69
CA ALA B 43 32.74 9.93 34.96
C ALA B 43 31.83 10.17 33.76
N ALA B 44 31.45 9.09 33.05
CA ALA B 44 30.58 9.24 31.87
C ALA B 44 29.27 9.92 32.25
N ALA B 45 28.66 9.52 33.38
CA ALA B 45 27.39 10.10 33.81
C ALA B 45 27.52 11.53 34.31
N HIS B 46 28.73 12.02 34.56
CA HIS B 46 28.95 13.39 34.98
C HIS B 46 29.62 14.24 33.91
N HIS B 47 30.11 13.65 32.82
CA HIS B 47 30.87 14.41 31.85
C HIS B 47 29.95 15.30 31.02
N LYS B 48 30.35 16.57 30.88
CA LYS B 48 29.51 17.56 30.21
C LYS B 48 29.18 17.15 28.79
N GLU B 49 30.22 16.85 28.00
CA GLU B 49 30.05 16.48 26.60
C GLU B 49 29.56 17.68 25.79
N THR B 50 28.59 17.47 24.92
CA THR B 50 28.02 18.57 24.13
C THR B 50 26.84 19.24 24.82
N TRP B 51 26.40 18.72 25.97
CA TRP B 51 25.27 19.29 26.68
C TRP B 51 25.72 20.45 27.56
N PRO B 52 24.77 21.24 28.08
CA PRO B 52 25.15 22.33 29.01
C PRO B 52 25.69 21.84 30.34
N ASP B 53 25.53 20.57 30.66
CA ASP B 53 26.09 20.03 31.90
C ASP B 53 26.06 18.52 31.80
N GLY B 54 26.51 17.86 32.86
CA GLY B 54 26.52 16.41 32.89
C GLY B 54 25.14 15.82 33.02
N HIS B 55 25.03 14.56 32.60
CA HIS B 55 23.76 13.82 32.67
C HIS B 55 23.13 13.91 34.06
N ILE B 56 23.89 13.54 35.09
CA ILE B 56 23.36 13.60 36.47
C ILE B 56 22.99 15.03 36.84
N GLU B 57 23.85 15.99 36.49
CA GLU B 57 23.63 17.37 36.90
C GLU B 57 22.38 17.93 36.24
N LEU B 58 22.12 17.55 34.98
CA LEU B 58 20.92 18.03 34.32
C LEU B 58 19.67 17.49 35.00
N LEU B 59 19.66 16.21 35.35
CA LEU B 59 18.51 15.64 36.03
C LEU B 59 18.26 16.33 37.37
N HIS B 60 19.34 16.63 38.10
CA HIS B 60 19.19 17.39 39.34
C HIS B 60 18.61 18.76 39.04
N ASN B 61 19.18 19.48 38.07
CA ASN B 61 18.66 20.80 37.71
C ASN B 61 17.16 20.76 37.45
N HIS B 62 16.70 19.70 36.78
CA HIS B 62 15.31 19.61 36.34
C HIS B 62 14.37 19.03 37.39
N GLY B 63 14.89 18.58 38.52
CA GLY B 63 14.04 18.02 39.54
C GLY B 63 13.65 16.57 39.31
N THR B 64 14.30 15.90 38.36
CA THR B 64 14.07 14.49 38.14
C THR B 64 14.83 13.70 39.19
N ASP B 65 14.11 12.79 39.86
CA ASP B 65 14.68 12.01 40.94
C ASP B 65 15.34 10.72 40.47
N MET B 66 14.75 10.06 39.47
CA MET B 66 15.29 8.82 38.94
C MET B 66 14.91 8.73 37.47
N GLN B 67 15.77 8.07 36.70
CA GLN B 67 15.56 7.93 35.26
C GLN B 67 15.80 6.48 34.86
N LEU B 68 14.90 5.94 34.05
CA LEU B 68 15.09 4.63 33.44
C LEU B 68 15.97 4.80 32.22
N ILE B 69 17.17 4.22 32.24
CA ILE B 69 18.14 4.39 31.15
C ILE B 69 18.22 3.09 30.34
N SER B 70 18.18 3.24 29.02
CA SER B 70 18.21 2.14 28.07
C SER B 70 19.37 2.41 27.11
N PRO B 71 19.70 1.47 26.21
CA PRO B 71 20.73 1.75 25.20
C PRO B 71 20.41 3.00 24.42
N ARG B 72 21.43 3.60 23.84
CA ARG B 72 21.23 4.65 22.85
C ARG B 72 20.74 3.97 21.56
N PRO B 73 19.47 4.06 21.22
CA PRO B 73 18.95 3.17 20.16
C PRO B 73 19.64 3.33 18.83
N PHE B 74 20.09 4.54 18.46
CA PHE B 74 20.64 4.74 17.10
C PHE B 74 21.99 4.07 16.91
N GLN B 75 22.60 3.59 17.99
CA GLN B 75 23.84 2.83 17.95
C GLN B 75 23.64 1.32 17.82
N MET B 76 22.41 0.80 17.95
CA MET B 76 22.23 -0.63 18.13
C MET B 76 22.28 -1.47 16.85
N MET B 77 22.36 -0.83 15.68
CA MET B 77 22.76 -1.47 14.43
C MET B 77 22.11 -2.84 14.17
N ASN B 78 20.77 -2.88 14.28
CA ASN B 78 20.05 -4.15 14.15
C ASN B 78 20.12 -4.70 12.73
N SER B 79 20.51 -3.90 11.74
CA SER B 79 20.63 -4.36 10.37
C SER B 79 22.06 -4.75 10.00
N ALA B 80 23.00 -4.66 10.93
CA ALA B 80 24.41 -4.92 10.64
C ALA B 80 24.71 -6.41 10.51
N LYS B 81 25.81 -6.71 9.84
CA LYS B 81 26.28 -8.09 9.62
C LYS B 81 27.71 -8.20 10.13
N PRO B 82 28.09 -9.37 10.65
CA PRO B 82 27.28 -10.58 10.80
C PRO B 82 26.40 -10.49 12.05
N ALA B 83 25.37 -11.32 12.10
CA ALA B 83 24.39 -11.24 13.16
C ALA B 83 25.03 -11.30 14.55
N ARG B 84 26.12 -12.05 14.69
CA ARG B 84 26.66 -12.23 16.04
C ARG B 84 27.15 -10.92 16.65
N VAL B 85 27.57 -9.95 15.84
CA VAL B 85 28.04 -8.69 16.44
C VAL B 85 26.87 -7.88 16.97
N VAL B 86 25.69 -7.99 16.35
CA VAL B 86 24.50 -7.33 16.87
C VAL B 86 24.16 -7.90 18.25
N HIS B 87 24.19 -9.23 18.37
CA HIS B 87 23.95 -9.85 19.67
C HIS B 87 25.00 -9.43 20.67
N TRP B 88 26.28 -9.55 20.31
CA TRP B 88 27.34 -9.26 21.27
C TRP B 88 27.27 -7.81 21.74
N PHE B 89 27.09 -6.87 20.79
CA PHE B 89 27.07 -5.47 21.20
C PHE B 89 25.88 -5.18 22.10
N CYS B 90 24.70 -5.71 21.77
CA CYS B 90 23.55 -5.51 22.63
C CYS B 90 23.83 -6.05 24.03
N GLU B 91 24.44 -7.24 24.11
CA GLU B 91 24.74 -7.81 25.42
C GLU B 91 25.70 -6.92 26.21
N GLU B 92 26.74 -6.39 25.55
CA GLU B 92 27.70 -5.55 26.25
C GLU B 92 27.07 -4.23 26.72
N VAL B 93 26.19 -3.65 25.91
CA VAL B 93 25.49 -2.44 26.33
C VAL B 93 24.63 -2.72 27.56
N ASN B 94 23.89 -3.83 27.54
CA ASN B 94 23.06 -4.18 28.69
C ASN B 94 23.92 -4.38 29.94
N THR B 95 25.10 -5.00 29.78
CA THR B 95 25.98 -5.17 30.93
C THR B 95 26.48 -3.83 31.45
N LEU B 96 26.87 -2.92 30.56
CA LEU B 96 27.35 -1.62 31.02
C LEU B 96 26.25 -0.86 31.75
N ILE B 97 25.04 -0.88 31.21
CA ILE B 97 23.91 -0.24 31.89
C ILE B 97 23.76 -0.82 33.28
N HIS B 98 23.86 -2.14 33.40
CA HIS B 98 23.75 -2.78 34.72
C HIS B 98 24.81 -2.25 35.67
N ARG B 99 26.07 -2.19 35.21
CA ARG B 99 27.13 -1.64 36.03
C ARG B 99 26.81 -0.20 36.44
N GLN B 100 26.41 0.63 35.49
CA GLN B 100 26.18 2.04 35.82
C GLN B 100 25.03 2.19 36.81
N CYS B 101 23.98 1.38 36.65
CA CYS B 101 22.88 1.46 37.59
C CYS B 101 23.34 1.02 38.98
N THR B 102 24.14 -0.04 39.04
CA THR B 102 24.70 -0.48 40.33
C THR B 102 25.60 0.60 40.93
N LEU B 103 26.44 1.21 40.10
CA LEU B 103 27.37 2.23 40.58
C LEU B 103 26.67 3.52 40.99
N ILE B 104 25.57 3.87 40.33
CA ILE B 104 24.88 5.13 40.60
C ILE B 104 23.40 4.82 40.86
N PRO B 105 23.07 4.00 41.88
CA PRO B 105 21.70 3.53 42.05
C PRO B 105 20.72 4.55 42.60
N GLU B 106 21.18 5.72 43.06
CA GLU B 106 20.25 6.76 43.46
C GLU B 106 19.56 7.42 42.28
N MET B 107 19.90 7.04 41.05
CA MET B 107 19.45 7.81 39.91
C MET B 107 18.92 6.94 38.78
N PHE B 108 19.56 5.81 38.50
CA PHE B 108 19.37 5.11 37.23
C PHE B 108 18.76 3.75 37.46
N ILE B 109 17.69 3.46 36.71
CA ILE B 109 17.01 2.17 36.71
C ILE B 109 17.25 1.54 35.35
N PRO B 110 17.54 0.24 35.27
CA PRO B 110 17.97 -0.35 33.99
C PRO B 110 16.83 -0.85 33.12
N VAL B 111 16.90 -0.50 31.83
CA VAL B 111 15.99 -0.98 30.80
C VAL B 111 16.84 -1.55 29.67
N ALA B 112 16.44 -2.68 29.13
CA ALA B 112 17.35 -3.45 28.26
C ALA B 112 17.08 -3.22 26.79
N GLY B 113 18.15 -3.32 26.00
CA GLY B 113 17.99 -3.52 24.57
C GLY B 113 17.76 -4.98 24.26
N LEU B 114 17.07 -5.23 23.17
CA LEU B 114 16.87 -6.58 22.68
C LEU B 114 17.79 -6.82 21.49
N PRO B 115 18.48 -7.96 21.41
CA PRO B 115 19.41 -8.19 20.29
C PRO B 115 18.68 -8.60 19.02
N GLN B 116 17.82 -7.70 18.54
CA GLN B 116 17.06 -7.98 17.34
C GLN B 116 17.96 -7.87 16.11
N VAL B 117 18.05 -8.96 15.37
CA VAL B 117 18.74 -9.02 14.10
C VAL B 117 17.69 -9.07 12.99
N ALA B 118 17.77 -8.13 12.05
CA ALA B 118 16.84 -8.13 10.94
C ALA B 118 16.76 -9.52 10.32
N GLY B 119 15.54 -10.07 10.28
CA GLY B 119 15.28 -11.35 9.67
C GLY B 119 15.30 -12.53 10.62
N GLU B 120 15.82 -12.37 11.85
CA GLU B 120 15.86 -13.50 12.76
C GLU B 120 14.52 -13.68 13.47
N PRO B 121 14.13 -14.93 13.76
CA PRO B 121 12.96 -15.15 14.62
C PRO B 121 13.13 -14.42 15.93
N ILE B 122 12.03 -13.88 16.44
CA ILE B 122 12.08 -13.07 17.65
C ILE B 122 12.49 -13.91 18.85
N GLU B 123 12.26 -15.22 18.81
CA GLU B 123 12.69 -16.06 19.92
C GLU B 123 14.20 -15.95 20.16
N ASN B 124 14.98 -15.48 19.17
CA ASN B 124 16.41 -15.33 19.34
C ASN B 124 16.81 -14.24 20.33
N VAL B 125 15.86 -13.44 20.85
CA VAL B 125 16.19 -12.47 21.90
C VAL B 125 15.87 -12.98 23.29
N PHE B 126 15.31 -14.19 23.42
CA PHE B 126 14.82 -14.65 24.71
C PHE B 126 15.95 -14.92 25.69
N ALA B 127 17.05 -15.50 25.22
CA ALA B 127 18.15 -15.79 26.13
C ALA B 127 18.65 -14.53 26.78
N GLU B 128 18.77 -13.43 26.01
CA GLU B 128 19.23 -12.17 26.57
C GLU B 128 18.18 -11.57 27.49
N MET B 129 16.91 -11.70 27.12
CA MET B 129 15.85 -11.21 28.00
C MET B 129 15.93 -11.88 29.36
N ASP B 130 16.06 -13.21 29.37
CA ASP B 130 16.22 -13.94 30.63
C ASP B 130 17.42 -13.41 31.42
N ARG B 131 18.57 -13.27 30.77
CA ARG B 131 19.75 -12.75 31.47
C ARG B 131 19.46 -11.39 32.08
N CYS B 132 18.77 -10.51 31.34
CA CYS B 132 18.51 -9.17 31.85
C CYS B 132 17.52 -9.20 33.00
N VAL B 133 16.53 -10.07 32.92
CA VAL B 133 15.59 -10.22 34.04
C VAL B 133 16.35 -10.61 35.30
N SER B 134 17.27 -11.58 35.18
CA SER B 134 18.07 -11.99 36.33
C SER B 134 18.85 -10.83 36.92
N MET B 135 19.20 -9.85 36.10
CA MET B 135 19.99 -8.71 36.53
C MET B 135 19.13 -7.55 37.01
N GLY B 136 17.82 -7.75 37.10
CA GLY B 136 16.94 -6.73 37.61
C GLY B 136 16.47 -5.71 36.60
N PHE B 137 16.51 -6.04 35.30
CA PHE B 137 16.01 -5.08 34.32
C PHE B 137 14.49 -5.00 34.38
N LYS B 138 13.97 -3.81 34.11
CA LYS B 138 12.57 -3.51 34.32
C LYS B 138 11.79 -3.31 33.02
N GLY B 139 12.44 -3.46 31.87
CA GLY B 139 11.72 -3.33 30.61
C GLY B 139 12.65 -3.59 29.45
N PHE B 140 12.07 -3.54 28.24
CA PHE B 140 12.83 -3.81 27.02
C PHE B 140 12.43 -2.84 25.92
N LEU B 141 13.44 -2.31 25.21
CA LEU B 141 13.17 -1.53 24.01
C LEU B 141 12.81 -2.49 22.89
N LEU B 142 11.71 -2.21 22.21
CA LEU B 142 11.24 -3.04 21.11
C LEU B 142 11.33 -2.22 19.82
N ASN B 143 12.12 -2.70 18.86
CA ASN B 143 12.33 -2.00 17.60
C ASN B 143 11.40 -2.57 16.55
N PRO B 144 10.42 -1.82 16.04
CA PRO B 144 9.56 -2.37 14.99
C PRO B 144 10.23 -2.45 13.64
N ASP B 145 11.41 -1.86 13.49
CA ASP B 145 12.16 -1.84 12.24
C ASP B 145 13.62 -2.22 12.46
N PRO B 146 13.88 -3.49 12.76
CA PRO B 146 15.28 -3.95 12.82
C PRO B 146 16.00 -3.87 11.47
N TYR B 147 15.28 -3.68 10.37
CA TYR B 147 15.90 -3.49 9.07
C TYR B 147 16.45 -2.07 8.88
N GLU B 148 16.18 -1.15 9.81
CA GLU B 148 16.74 0.21 9.81
C GLU B 148 16.57 0.91 8.46
N ASN B 149 15.31 1.03 8.05
CA ASN B 149 14.91 1.77 6.85
C ASN B 149 15.72 1.28 5.65
N GLY B 150 15.71 -0.05 5.47
CA GLY B 150 16.40 -0.71 4.38
C GLY B 150 15.44 -1.07 3.26
N ALA B 151 15.94 -1.86 2.32
CA ALA B 151 15.11 -2.31 1.20
C ALA B 151 13.96 -3.20 1.66
N GLU B 152 14.15 -3.96 2.73
CA GLU B 152 13.14 -4.84 3.29
C GLU B 152 12.64 -4.30 4.63
N GLU B 153 11.51 -4.84 5.09
CA GLU B 153 11.01 -4.49 6.41
C GLU B 153 10.53 -5.74 7.13
N ALA B 154 10.34 -5.59 8.44
CA ALA B 154 9.82 -6.67 9.25
C ALA B 154 8.31 -6.75 9.12
N PRO B 155 7.71 -7.83 9.61
CA PRO B 155 6.25 -7.90 9.60
C PRO B 155 5.66 -6.85 10.53
N PRO B 156 4.42 -6.41 10.29
CA PRO B 156 3.78 -5.46 11.21
C PRO B 156 3.62 -6.07 12.59
N LEU B 157 3.44 -5.20 13.60
CA LEU B 157 3.45 -5.72 14.96
C LEU B 157 2.27 -6.63 15.27
N GLY B 158 1.20 -6.59 14.47
CA GLY B 158 0.12 -7.54 14.67
C GLY B 158 0.39 -8.93 14.14
N ASP B 159 1.51 -9.12 13.43
CA ASP B 159 1.84 -10.40 12.81
C ASP B 159 2.30 -11.40 13.86
N ARG B 160 1.98 -12.67 13.63
CA ARG B 160 2.34 -13.70 14.59
C ARG B 160 3.85 -13.87 14.73
N TYR B 161 4.64 -13.34 13.80
CA TYR B 161 6.08 -13.27 14.01
C TYR B 161 6.43 -12.75 15.40
N TRP B 162 5.66 -11.80 15.91
CA TRP B 162 5.94 -11.14 17.18
C TRP B 162 5.24 -11.79 18.37
N TYR B 163 4.28 -12.68 18.13
CA TYR B 163 3.50 -13.24 19.22
C TYR B 163 4.36 -13.96 20.26
N PRO B 164 5.39 -14.71 19.90
CA PRO B 164 6.25 -15.27 20.96
C PRO B 164 6.76 -14.22 21.93
N LEU B 165 7.08 -13.02 21.43
CA LEU B 165 7.62 -11.99 22.31
C LEU B 165 6.55 -11.45 23.25
N TYR B 166 5.37 -11.15 22.71
CA TYR B 166 4.25 -10.72 23.56
C TYR B 166 3.96 -11.77 24.62
N GLU B 167 4.08 -13.04 24.26
CA GLU B 167 3.92 -14.13 25.23
C GLU B 167 4.92 -13.99 26.36
N LYS B 168 6.21 -13.89 26.03
CA LYS B 168 7.22 -13.77 27.07
C LYS B 168 6.98 -12.53 27.93
N LEU B 169 6.68 -11.39 27.29
CA LEU B 169 6.48 -10.17 28.06
C LEU B 169 5.33 -10.31 29.05
N CYS B 170 4.28 -11.03 28.67
CA CYS B 170 3.18 -11.23 29.62
C CYS B 170 3.58 -12.19 30.73
N GLU B 171 4.39 -13.20 30.41
CA GLU B 171 4.90 -14.10 31.44
C GLU B 171 5.74 -13.35 32.46
N LEU B 172 6.62 -12.46 31.99
CA LEU B 172 7.44 -11.65 32.87
C LEU B 172 6.67 -10.51 33.51
N ASP B 173 5.47 -10.22 33.02
CA ASP B 173 4.75 -8.99 33.35
C ASP B 173 5.66 -7.76 33.24
N LEU B 174 6.49 -7.71 32.17
CA LEU B 174 7.36 -6.58 31.90
C LEU B 174 6.96 -5.91 30.59
N PRO B 175 7.21 -4.60 30.45
CA PRO B 175 6.78 -3.86 29.26
C PRO B 175 7.79 -3.84 28.13
N ALA B 176 7.25 -3.66 26.93
CA ALA B 176 8.02 -3.25 25.76
C ALA B 176 7.89 -1.74 25.59
N HIS B 177 9.02 -1.08 25.31
CA HIS B 177 9.07 0.36 25.10
C HIS B 177 9.43 0.55 23.62
N ILE B 178 8.45 0.97 22.82
CA ILE B 178 8.64 1.03 21.37
C ILE B 178 9.69 2.09 21.05
N HIS B 179 10.72 1.70 20.33
CA HIS B 179 11.77 2.65 19.96
C HIS B 179 12.47 2.12 18.74
N ALA B 180 12.46 2.85 17.64
CA ALA B 180 13.27 2.45 16.50
C ALA B 180 14.75 2.73 16.77
N THR B 181 15.62 2.23 15.87
CA THR B 181 17.06 2.41 16.00
C THR B 181 17.60 3.30 14.88
N GLY B 182 18.51 2.82 14.04
CA GLY B 182 18.99 3.68 12.98
C GLY B 182 18.15 3.66 11.72
N SER B 183 18.61 4.42 10.73
CA SER B 183 17.93 4.59 9.47
C SER B 183 18.93 4.70 8.33
N GLN B 184 18.82 3.84 7.33
CA GLN B 184 19.72 3.90 6.18
C GLN B 184 19.29 4.89 5.10
N SER B 185 18.27 5.69 5.36
CA SER B 185 17.70 6.58 4.35
C SER B 185 18.39 7.93 4.31
N GLU B 186 18.64 8.43 3.11
CA GLU B 186 19.05 9.83 2.95
C GLU B 186 17.88 10.79 3.11
N ARG B 187 16.66 10.31 2.94
CA ARG B 187 15.49 11.15 3.07
C ARG B 187 15.05 11.30 4.52
N SER B 188 15.17 10.22 5.30
N SER B 188 15.22 10.25 5.32
CA SER B 188 14.69 10.18 6.69
CA SER B 188 14.67 10.20 6.68
C SER B 188 15.83 9.80 7.60
C SER B 188 15.79 9.80 7.64
N PRO B 189 16.56 10.77 8.15
CA PRO B 189 17.57 10.46 9.17
C PRO B 189 16.92 9.94 10.45
N TYR B 190 17.76 9.37 11.33
CA TYR B 190 17.24 8.52 12.39
C TYR B 190 16.31 9.29 13.33
N SER B 191 16.60 10.57 13.58
CA SER B 191 15.74 11.31 14.52
C SER B 191 14.32 11.46 14.01
N LEU B 192 14.15 11.58 12.70
CA LEU B 192 12.83 11.59 12.07
C LEU B 192 12.25 10.18 11.98
N HIS B 193 13.08 9.23 11.57
CA HIS B 193 12.68 7.82 11.48
C HIS B 193 12.04 7.33 12.79
N PHE B 194 12.58 7.73 13.95
CA PHE B 194 11.97 7.34 15.22
C PHE B 194 10.47 7.58 15.21
N ILE B 195 10.09 8.79 14.81
CA ILE B 195 8.69 9.24 14.87
C ILE B 195 7.82 8.46 13.88
N ASN B 196 8.30 8.27 12.65
CA ASN B 196 7.52 7.52 11.67
C ASN B 196 7.33 6.08 12.12
N GLU B 197 8.35 5.49 12.75
CA GLU B 197 8.23 4.11 13.21
C GLU B 197 7.28 3.99 14.40
N GLU B 198 7.26 5.00 15.27
CA GLU B 198 6.28 4.99 16.35
C GLU B 198 4.88 5.07 15.76
N THR B 199 4.70 5.86 14.72
CA THR B 199 3.40 5.91 14.08
C THR B 199 3.00 4.55 13.55
N ILE B 200 3.90 3.88 12.85
CA ILE B 200 3.56 2.59 12.24
C ILE B 200 3.30 1.54 13.31
N ALA B 201 4.20 1.45 14.30
CA ALA B 201 4.03 0.47 15.38
C ALA B 201 2.69 0.65 16.08
N THR B 202 2.33 1.89 16.41
CA THR B 202 1.08 2.14 17.10
C THR B 202 -0.12 1.81 16.20
N TYR B 203 -0.08 2.28 14.94
CA TYR B 203 -1.10 1.89 13.98
C TYR B 203 -1.27 0.38 13.92
N ASN B 204 -0.17 -0.37 13.78
CA ASN B 204 -0.27 -1.83 13.70
C ASN B 204 -0.92 -2.40 14.95
N LEU B 205 -0.52 -1.92 16.13
CA LEU B 205 -1.08 -2.45 17.35
C LEU B 205 -2.55 -2.10 17.50
N CYS B 206 -2.98 -0.98 16.91
CA CYS B 206 -4.36 -0.54 17.13
C CYS B 206 -5.30 -1.00 16.02
N THR B 207 -4.79 -1.69 15.01
CA THR B 207 -5.59 -2.25 13.93
C THR B 207 -5.41 -3.76 13.82
N SER B 208 -4.94 -4.41 14.89
CA SER B 208 -4.73 -5.85 14.91
C SER B 208 -5.34 -6.41 16.19
N SER B 209 -5.29 -7.73 16.35
CA SER B 209 -5.88 -8.37 17.51
C SER B 209 -4.88 -8.62 18.63
N VAL B 210 -3.77 -7.87 18.67
CA VAL B 210 -2.76 -8.08 19.71
C VAL B 210 -3.36 -7.97 21.10
N PHE B 211 -4.07 -6.88 21.38
CA PHE B 211 -4.59 -6.70 22.73
C PHE B 211 -5.85 -7.53 22.99
N ASP B 212 -6.50 -8.06 21.94
CA ASP B 212 -7.51 -9.08 22.12
C ASP B 212 -6.88 -10.38 22.60
N ASP B 213 -5.68 -10.71 22.08
CA ASP B 213 -5.00 -11.95 22.43
C ASP B 213 -4.08 -11.81 23.63
N PHE B 214 -3.55 -10.61 23.91
CA PHE B 214 -2.71 -10.37 25.08
C PHE B 214 -3.27 -9.17 25.85
N PRO B 215 -4.38 -9.37 26.57
CA PRO B 215 -5.03 -8.24 27.26
C PRO B 215 -4.12 -7.56 28.27
N GLN B 216 -3.12 -8.26 28.80
CA GLN B 216 -2.26 -7.75 29.84
C GLN B 216 -0.95 -7.17 29.32
N LEU B 217 -0.71 -7.25 28.01
CA LEU B 217 0.54 -6.75 27.44
C LEU B 217 0.73 -5.27 27.75
N LYS B 218 1.94 -4.91 28.19
CA LYS B 218 2.27 -3.53 28.52
C LYS B 218 3.21 -2.99 27.45
N VAL B 219 2.77 -1.96 26.74
CA VAL B 219 3.55 -1.32 25.70
C VAL B 219 3.55 0.17 25.98
N VAL B 220 4.75 0.75 26.00
CA VAL B 220 4.93 2.20 26.08
C VAL B 220 5.46 2.68 24.72
N VAL B 221 4.76 3.60 24.09
CA VAL B 221 5.18 4.15 22.80
C VAL B 221 5.94 5.44 23.04
N SER B 222 7.14 5.51 22.48
CA SER B 222 7.99 6.69 22.66
C SER B 222 7.44 7.92 21.95
N HIS B 223 7.91 9.07 22.43
CA HIS B 223 7.68 10.37 21.79
C HIS B 223 6.21 10.66 21.58
N GLY B 224 5.41 10.37 22.60
CA GLY B 224 3.98 10.68 22.54
C GLY B 224 3.26 9.98 21.40
N GLY B 225 3.77 8.85 20.95
CA GLY B 225 3.09 8.07 19.93
C GLY B 225 3.32 8.50 18.50
N GLY B 226 4.44 9.13 18.19
CA GLY B 226 4.74 9.53 16.83
C GLY B 226 3.74 10.57 16.38
N ALA B 227 3.08 10.28 15.28
CA ALA B 227 2.02 11.13 14.77
C ALA B 227 0.65 10.81 15.35
N ILE B 228 0.50 9.74 16.10
CA ILE B 228 -0.84 9.15 16.22
C ILE B 228 -1.81 10.05 16.97
N PRO B 229 -1.49 10.63 18.12
CA PRO B 229 -2.51 11.43 18.80
C PRO B 229 -2.97 12.61 17.96
N TYR B 230 -2.06 13.15 17.15
CA TYR B 230 -2.40 14.26 16.26
C TYR B 230 -3.24 13.78 15.08
N GLN B 231 -2.95 12.59 14.55
CA GLN B 231 -3.65 12.08 13.37
C GLN B 231 -4.75 11.06 13.72
N LEU B 232 -5.19 11.03 14.99
CA LEU B 232 -6.10 9.99 15.45
C LEU B 232 -7.41 9.98 14.69
N GLY B 233 -7.95 11.17 14.39
CA GLY B 233 -9.27 11.23 13.78
C GLY B 233 -9.40 10.36 12.55
N ARG B 234 -8.44 10.49 11.62
CA ARG B 234 -8.52 9.74 10.35
C ARG B 234 -8.41 8.24 10.56
N PHE B 235 -7.62 7.79 11.54
CA PHE B 235 -7.50 6.35 11.76
C PHE B 235 -8.69 5.80 12.51
N GLU B 236 -9.26 6.57 13.43
CA GLU B 236 -10.52 6.17 14.05
C GLU B 236 -11.60 6.05 13.01
N SER B 237 -11.71 7.03 12.11
CA SER B 237 -12.74 7.00 11.09
C SER B 237 -12.69 5.71 10.29
N GLN B 238 -11.50 5.35 9.80
CA GLN B 238 -11.34 4.15 8.98
C GLN B 238 -11.66 2.88 9.74
N SER B 239 -11.58 2.90 11.08
CA SER B 239 -11.77 1.69 11.88
C SER B 239 -13.24 1.41 12.19
N ARG B 240 -14.15 2.33 11.86
CA ARG B 240 -15.54 2.15 12.25
C ARG B 240 -16.16 0.90 11.63
N ARG B 241 -15.55 0.36 10.57
CA ARG B 241 -15.87 -0.96 10.06
C ARG B 241 -14.69 -1.86 10.46
N SER B 242 -14.82 -2.53 11.60
CA SER B 242 -13.75 -3.38 12.14
C SER B 242 -14.27 -4.02 13.42
N LYS B 243 -13.59 -5.10 13.83
CA LYS B 243 -13.96 -5.77 15.06
C LYS B 243 -14.01 -4.78 16.23
N HIS B 244 -12.96 -3.96 16.37
CA HIS B 244 -12.89 -2.95 17.41
C HIS B 244 -12.42 -1.64 16.80
N LEU B 245 -12.82 -0.54 17.42
CA LEU B 245 -12.36 0.78 17.00
C LEU B 245 -10.86 0.93 17.27
N PHE B 246 -10.23 1.77 16.45
CA PHE B 246 -8.85 2.16 16.72
C PHE B 246 -8.69 2.67 18.15
N SER B 247 -9.59 3.53 18.61
CA SER B 247 -9.47 4.09 19.96
C SER B 247 -9.59 3.01 21.04
N GLU B 248 -10.41 1.98 20.82
CA GLU B 248 -10.59 0.96 21.84
C GLU B 248 -9.31 0.16 22.06
N ARG B 249 -8.58 -0.15 20.98
CA ARG B 249 -7.27 -0.78 21.13
C ARG B 249 -6.23 0.22 21.64
N MET B 250 -6.26 1.46 21.16
CA MET B 250 -5.32 2.46 21.62
C MET B 250 -5.43 2.70 23.13
N ALA B 251 -6.62 2.45 23.71
CA ALA B 251 -6.80 2.66 25.15
C ALA B 251 -5.94 1.72 25.99
N LYS B 252 -5.49 0.60 25.42
CA LYS B 252 -4.60 -0.31 26.13
C LYS B 252 -3.16 0.20 26.19
N LEU B 253 -2.78 1.11 25.29
CA LEU B 253 -1.40 1.54 25.16
C LEU B 253 -1.05 2.63 26.17
N TYR B 254 0.23 2.67 26.55
CA TYR B 254 0.82 3.76 27.28
C TYR B 254 1.69 4.58 26.34
N PHE B 255 1.86 5.85 26.68
CA PHE B 255 2.69 6.78 25.90
C PHE B 255 3.62 7.54 26.83
N ASP B 256 4.89 7.71 26.43
CA ASP B 256 5.71 8.61 27.20
C ASP B 256 5.54 10.02 26.66
N THR B 257 5.98 11.00 27.45
CA THR B 257 5.74 12.41 27.14
C THR B 257 6.97 13.07 26.54
N VAL B 258 7.77 12.36 25.74
CA VAL B 258 8.94 13.01 25.16
C VAL B 258 8.45 13.86 24.00
N LEU B 259 7.97 15.04 24.36
CA LEU B 259 7.46 16.08 23.48
C LEU B 259 7.92 17.42 24.05
N TYR B 260 8.46 18.30 23.20
CA TYR B 260 9.11 19.51 23.67
C TYR B 260 8.33 20.79 23.35
N THR B 261 7.05 20.69 23.00
CA THR B 261 6.17 21.85 22.98
C THR B 261 5.00 21.65 23.93
N GLU B 262 4.59 22.74 24.56
CA GLU B 262 3.47 22.70 25.49
C GLU B 262 2.21 22.18 24.81
N GLY B 263 1.93 22.66 23.60
CA GLY B 263 0.70 22.26 22.90
C GLY B 263 0.65 20.78 22.62
N ALA B 264 1.80 20.20 22.22
CA ALA B 264 1.84 18.76 21.99
C ALA B 264 1.63 17.98 23.27
N LEU B 265 2.27 18.42 24.37
CA LEU B 265 2.04 17.76 25.64
C LEU B 265 0.56 17.80 26.03
N ARG B 266 -0.07 18.95 25.85
CA ARG B 266 -1.49 19.06 26.18
C ARG B 266 -2.33 18.12 25.32
N LEU B 267 -2.05 18.08 24.01
CA LEU B 267 -2.86 17.25 23.11
C LEU B 267 -2.69 15.77 23.45
N LEU B 268 -1.47 15.35 23.75
CA LEU B 268 -1.25 13.96 24.16
C LEU B 268 -2.09 13.63 25.38
N ILE B 269 -1.99 14.45 26.42
CA ILE B 269 -2.63 14.14 27.69
C ILE B 269 -4.14 14.21 27.55
N GLU B 270 -4.64 15.19 26.79
CA GLU B 270 -6.08 15.26 26.58
C GLU B 270 -6.57 14.09 25.73
N THR B 271 -5.73 13.55 24.85
CA THR B 271 -6.16 12.49 23.95
C THR B 271 -6.19 11.13 24.64
N VAL B 272 -5.12 10.77 25.35
CA VAL B 272 -5.00 9.45 25.96
C VAL B 272 -5.30 9.46 27.46
N GLY B 273 -5.27 10.61 28.11
CA GLY B 273 -5.57 10.70 29.52
C GLY B 273 -4.35 10.50 30.41
N PRO B 274 -4.39 11.08 31.61
CA PRO B 274 -3.27 10.90 32.55
C PRO B 274 -2.99 9.44 32.89
N GLU B 275 -4.00 8.59 32.84
CA GLU B 275 -3.85 7.19 33.20
C GLU B 275 -2.99 6.41 32.21
N ARG B 276 -2.68 6.99 31.05
CA ARG B 276 -1.88 6.30 30.04
C ARG B 276 -0.65 7.08 29.63
N CYS B 277 -0.26 8.11 30.37
CA CYS B 277 0.94 8.89 30.06
C CYS B 277 1.99 8.64 31.12
N LEU B 278 3.23 8.43 30.70
CA LEU B 278 4.39 8.31 31.58
C LEU B 278 5.35 9.44 31.27
N PHE B 279 5.69 10.24 32.30
CA PHE B 279 6.65 11.31 32.11
C PHE B 279 7.94 10.75 31.52
N GLY B 280 8.43 11.39 30.46
CA GLY B 280 9.73 11.06 29.90
C GLY B 280 10.29 12.27 29.19
N SER B 281 11.63 12.36 29.12
CA SER B 281 12.25 13.55 28.54
C SER B 281 13.36 13.32 27.54
N GLU B 282 13.99 12.14 27.48
N GLU B 282 14.00 12.14 27.50
CA GLU B 282 15.17 11.94 26.65
CA GLU B 282 15.20 11.89 26.69
C GLU B 282 16.28 12.94 27.01
C GLU B 282 16.36 12.79 27.08
N CYS B 283 16.32 13.38 28.28
CA CYS B 283 17.40 14.23 28.73
C CYS B 283 18.57 13.38 29.29
N PRO B 284 19.81 13.62 28.85
CA PRO B 284 20.27 14.59 27.84
C PRO B 284 20.21 14.03 26.45
N GLY B 285 20.00 14.88 25.46
CA GLY B 285 19.83 14.39 24.09
C GLY B 285 19.46 15.52 23.16
N VAL B 286 18.66 15.19 22.15
CA VAL B 286 18.36 16.14 21.09
C VAL B 286 17.67 17.39 21.64
N GLY B 287 16.96 17.27 22.76
CA GLY B 287 16.28 18.39 23.39
C GLY B 287 17.12 19.23 24.34
N SER B 288 18.38 18.87 24.55
CA SER B 288 19.22 19.57 25.53
C SER B 288 19.86 20.83 24.94
N THR B 289 18.99 21.72 24.44
CA THR B 289 19.39 23.00 23.87
C THR B 289 18.66 24.12 24.61
N ILE B 290 19.28 25.29 24.61
CA ILE B 290 18.72 26.47 25.29
C ILE B 290 17.77 27.18 24.35
N ASP B 291 16.52 27.30 24.76
CA ASP B 291 15.55 28.17 24.11
C ASP B 291 15.83 29.60 24.55
N PRO B 292 16.62 30.38 23.81
CA PRO B 292 17.07 31.69 24.34
C PRO B 292 15.94 32.67 24.57
N ALA B 293 14.72 32.38 24.11
CA ALA B 293 13.56 33.17 24.49
C ALA B 293 13.22 33.02 25.98
N THR B 294 13.79 32.01 26.64
CA THR B 294 13.53 31.75 28.06
C THR B 294 14.78 31.45 28.87
N GLY B 295 15.85 30.93 28.28
CA GLY B 295 16.98 30.41 29.02
C GLY B 295 16.78 28.99 29.54
N LYS B 296 15.62 28.39 29.33
CA LYS B 296 15.37 27.05 29.82
C LYS B 296 15.74 26.02 28.75
N GLN B 297 16.10 24.83 29.20
CA GLN B 297 16.41 23.74 28.31
C GLN B 297 15.12 23.16 27.71
N MET B 298 15.16 22.85 26.42
N MET B 298 15.17 22.84 26.42
CA MET B 298 13.94 22.41 25.76
CA MET B 298 13.97 22.39 25.72
C MET B 298 13.39 21.11 26.36
C MET B 298 13.40 21.11 26.34
N ASP B 299 14.25 20.21 26.81
CA ASP B 299 13.79 18.94 27.38
C ASP B 299 13.47 19.03 28.88
N HIS B 300 13.47 20.23 29.47
CA HIS B 300 13.00 20.43 30.85
C HIS B 300 11.50 20.69 30.76
N ILE B 301 10.74 19.61 30.61
CA ILE B 301 9.30 19.72 30.32
C ILE B 301 8.40 19.42 31.51
N ALA B 302 8.95 18.95 32.63
CA ALA B 302 8.13 18.75 33.82
C ALA B 302 7.31 19.98 34.18
N PRO B 303 7.84 21.21 34.14
CA PRO B 303 7.02 22.37 34.53
C PRO B 303 5.75 22.51 33.71
N PHE B 304 5.79 22.19 32.42
CA PHE B 304 4.58 22.28 31.60
C PHE B 304 3.48 21.42 32.21
N ILE B 305 3.80 20.17 32.52
CA ILE B 305 2.80 19.26 33.07
C ILE B 305 2.38 19.73 34.45
N GLN B 306 3.32 20.23 35.24
CA GLN B 306 3.00 20.68 36.60
C GLN B 306 2.01 21.84 36.58
N LYS B 307 1.98 22.63 35.51
CA LYS B 307 1.15 23.84 35.47
C LYS B 307 -0.13 23.67 34.67
N PHE B 308 -0.38 22.50 34.09
CA PHE B 308 -1.66 22.26 33.45
C PHE B 308 -2.77 22.28 34.49
N ASP B 309 -3.69 23.24 34.37
CA ASP B 309 -4.79 23.35 35.32
C ASP B 309 -5.89 22.33 35.05
N PHE B 310 -5.92 21.67 33.90
CA PHE B 310 -6.92 20.64 33.70
C PHE B 310 -6.56 19.31 34.35
N LEU B 311 -5.38 19.20 34.97
CA LEU B 311 -4.97 17.98 35.66
C LEU B 311 -5.02 18.19 37.17
N SER B 312 -5.55 17.19 37.87
CA SER B 312 -5.50 17.21 39.31
C SER B 312 -4.11 16.81 39.81
N ASP B 313 -3.84 17.13 41.07
CA ASP B 313 -2.60 16.67 41.70
C ASP B 313 -2.48 15.16 41.53
N ALA B 314 -3.57 14.43 41.69
CA ALA B 314 -3.53 12.98 41.52
C ALA B 314 -3.14 12.61 40.10
N ASP B 315 -3.76 13.27 39.11
CA ASP B 315 -3.40 13.04 37.71
C ASP B 315 -1.91 13.27 37.48
N LYS B 316 -1.35 14.30 38.09
CA LYS B 316 0.07 14.61 37.89
C LYS B 316 0.95 13.56 38.53
N LYS B 317 0.55 13.06 39.70
CA LYS B 317 1.29 11.97 40.34
C LYS B 317 1.27 10.71 39.48
N LEU B 318 0.15 10.42 38.82
CA LEU B 318 0.14 9.33 37.84
C LEU B 318 1.24 9.52 36.80
N ILE B 319 1.28 10.70 36.18
CA ILE B 319 2.20 10.92 35.07
C ILE B 319 3.65 10.85 35.55
N PHE B 320 3.92 11.42 36.73
CA PHE B 320 5.29 11.61 37.18
C PHE B 320 5.88 10.40 37.88
N GLU B 321 5.08 9.50 38.43
CA GLU B 321 5.66 8.36 39.13
C GLU B 321 4.80 7.10 39.11
N ASP B 322 3.49 7.22 39.34
CA ASP B 322 2.70 6.02 39.62
C ASP B 322 2.61 5.11 38.40
N ASN B 323 2.35 5.69 37.23
CA ASN B 323 2.25 4.87 36.03
C ASN B 323 3.55 4.12 35.78
N ALA B 324 4.68 4.81 35.89
CA ALA B 324 5.96 4.17 35.68
C ALA B 324 6.21 3.08 36.73
N ARG B 325 5.88 3.35 38.00
CA ARG B 325 6.06 2.32 39.01
C ARG B 325 5.27 1.06 38.66
N LYS B 326 4.05 1.23 38.13
CA LYS B 326 3.24 0.08 37.77
C LYS B 326 3.76 -0.58 36.50
N VAL B 327 4.00 0.21 35.45
CA VAL B 327 4.34 -0.37 34.15
C VAL B 327 5.71 -1.04 34.20
N PHE B 328 6.69 -0.40 34.83
CA PHE B 328 8.03 -0.96 34.90
C PHE B 328 8.28 -1.72 36.20
N ASN B 329 7.24 -2.00 36.98
CA ASN B 329 7.35 -2.79 38.21
C ASN B 329 8.47 -2.28 39.11
N LEU B 330 8.39 -0.99 39.46
CA LEU B 330 9.40 -0.38 40.31
C LEU B 330 8.99 -0.54 41.77
N GLU B 331 9.95 -0.95 42.60
CA GLU B 331 9.71 -1.16 44.02
C GLU B 331 10.12 0.05 44.84
N VAL B 332 9.39 0.29 45.93
CA VAL B 332 9.68 1.44 46.78
C VAL B 332 10.87 1.12 47.68
N MET C 1 -26.27 -28.08 -33.82
CA MET C 1 -25.98 -27.05 -32.80
C MET C 1 -24.50 -26.65 -32.90
N ILE C 2 -24.21 -25.40 -32.56
CA ILE C 2 -22.85 -24.90 -32.53
C ILE C 2 -22.54 -24.43 -31.10
N ILE C 3 -21.55 -25.06 -30.48
CA ILE C 3 -21.06 -24.71 -29.16
C ILE C 3 -19.67 -24.13 -29.37
N ASP C 4 -19.47 -22.89 -28.93
CA ASP C 4 -18.19 -22.20 -29.00
C ASP C 4 -17.48 -22.40 -27.65
N CYS C 5 -16.39 -23.15 -27.64
CA CYS C 5 -15.73 -23.50 -26.39
C CYS C 5 -14.74 -22.45 -25.89
N HIS C 6 -14.58 -21.32 -26.60
CA HIS C 6 -13.54 -20.35 -26.23
C HIS C 6 -14.12 -18.93 -26.32
N GLY C 7 -14.80 -18.51 -25.26
CA GLY C 7 -15.24 -17.14 -25.13
C GLY C 7 -14.85 -16.61 -23.76
N HIS C 8 -14.71 -15.30 -23.69
CA HIS C 8 -14.38 -14.66 -22.42
C HIS C 8 -15.49 -13.69 -22.02
N VAL C 9 -15.68 -13.57 -20.71
CA VAL C 9 -16.82 -12.86 -20.17
C VAL C 9 -16.82 -11.42 -20.65
N SER C 10 -17.99 -10.93 -20.99
CA SER C 10 -18.25 -9.50 -21.16
C SER C 10 -18.86 -9.04 -19.85
N ALA C 11 -18.07 -8.36 -19.04
CA ALA C 11 -18.42 -8.01 -17.67
C ALA C 11 -18.79 -6.54 -17.55
N PRO C 12 -19.61 -6.18 -16.56
CA PRO C 12 -19.84 -4.77 -16.30
C PRO C 12 -18.55 -4.06 -15.93
N VAL C 13 -18.46 -2.78 -16.27
CA VAL C 13 -17.26 -2.01 -16.01
C VAL C 13 -16.86 -2.06 -14.54
N GLU C 14 -17.84 -2.26 -13.64
CA GLU C 14 -17.57 -2.32 -12.21
C GLU C 14 -16.55 -3.40 -11.84
N LEU C 15 -16.51 -4.50 -12.59
CA LEU C 15 -15.57 -5.57 -12.30
C LEU C 15 -14.13 -5.11 -12.47
N TRP C 16 -13.85 -4.39 -13.56
CA TRP C 16 -12.49 -3.93 -13.82
C TRP C 16 -12.13 -2.80 -12.87
N ALA C 17 -13.09 -1.92 -12.58
CA ALA C 17 -12.84 -0.89 -11.57
C ALA C 17 -12.50 -1.53 -10.22
N TYR C 18 -13.15 -2.64 -9.88
CA TYR C 18 -12.83 -3.32 -8.63
C TYR C 18 -11.37 -3.76 -8.61
N LYS C 19 -10.90 -4.31 -9.73
CA LYS C 19 -9.50 -4.71 -9.84
C LYS C 19 -8.57 -3.54 -9.57
N ALA C 20 -8.85 -2.40 -10.20
CA ALA C 20 -8.01 -1.23 -10.04
C ALA C 20 -7.94 -0.82 -8.57
N SER C 21 -9.06 -0.91 -7.87
CA SER C 21 -9.07 -0.51 -6.47
C SER C 21 -8.34 -1.51 -5.59
N LEU C 22 -8.51 -2.82 -5.86
CA LEU C 22 -7.74 -3.80 -5.10
C LEU C 22 -6.26 -3.53 -5.23
N LEU C 23 -5.80 -3.27 -6.45
CA LEU C 23 -4.38 -3.00 -6.64
C LEU C 23 -3.98 -1.74 -5.92
N ALA C 24 -4.87 -0.75 -5.89
CA ALA C 24 -4.55 0.55 -5.30
C ALA C 24 -4.42 0.46 -3.78
N HIS C 25 -5.39 -0.17 -3.11
CA HIS C 25 -5.28 -0.27 -1.66
C HIS C 25 -4.62 -1.57 -1.22
N ARG C 26 -4.25 -2.45 -2.15
N ARG C 26 -4.24 -2.43 -2.16
CA ARG C 26 -3.44 -3.60 -1.82
CA ARG C 26 -3.47 -3.65 -1.89
C ARG C 26 -4.13 -4.54 -0.85
C ARG C 26 -4.13 -4.50 -0.82
N GLY C 27 -5.45 -4.51 -0.80
CA GLY C 27 -6.20 -5.25 0.19
C GLY C 27 -6.30 -4.60 1.53
N SER C 28 -5.83 -3.36 1.68
CA SER C 28 -5.91 -2.71 2.99
C SER C 28 -7.35 -2.33 3.35
N HIS C 29 -8.26 -2.26 2.39
CA HIS C 29 -9.67 -2.07 2.68
C HIS C 29 -10.41 -3.38 2.90
N GLY C 30 -9.68 -4.49 2.98
CA GLY C 30 -10.31 -5.78 3.05
C GLY C 30 -10.73 -6.28 1.68
N ARG C 31 -11.29 -7.48 1.69
CA ARG C 31 -11.63 -8.17 0.45
C ARG C 31 -12.74 -7.45 -0.30
N GLY C 32 -13.75 -6.95 0.41
CA GLY C 32 -14.87 -6.31 -0.25
C GLY C 32 -15.48 -7.20 -1.30
N GLY C 33 -15.85 -6.61 -2.42
CA GLY C 33 -16.38 -7.39 -3.53
C GLY C 33 -17.02 -6.52 -4.58
N VAL C 34 -17.21 -7.07 -5.76
CA VAL C 34 -17.85 -6.33 -6.83
C VAL C 34 -19.30 -6.11 -6.46
N LYS C 35 -19.78 -4.88 -6.60
CA LYS C 35 -21.18 -4.54 -6.35
C LYS C 35 -21.86 -4.28 -7.69
N VAL C 36 -22.53 -5.30 -8.24
CA VAL C 36 -23.27 -5.16 -9.50
C VAL C 36 -24.60 -5.88 -9.37
N THR C 37 -25.61 -5.31 -10.02
CA THR C 37 -26.93 -5.90 -10.08
C THR C 37 -27.00 -6.92 -11.22
N ASP C 38 -28.01 -7.79 -11.14
CA ASP C 38 -28.32 -8.69 -12.25
C ASP C 38 -28.51 -7.91 -13.54
N GLU C 39 -29.21 -6.78 -13.47
CA GLU C 39 -29.43 -5.92 -14.64
C GLU C 39 -28.12 -5.46 -15.27
N GLN C 40 -27.14 -5.07 -14.44
CA GLN C 40 -25.86 -4.64 -14.98
C GLN C 40 -25.11 -5.79 -15.63
N ILE C 41 -25.23 -6.99 -15.07
CA ILE C 41 -24.54 -8.14 -15.63
C ILE C 41 -25.14 -8.50 -17.00
N ILE C 42 -26.46 -8.43 -17.12
CA ILE C 42 -27.14 -8.73 -18.38
C ILE C 42 -26.80 -7.67 -19.43
N ALA C 43 -26.93 -6.40 -19.06
CA ALA C 43 -26.64 -5.33 -20.01
C ALA C 43 -25.25 -5.50 -20.62
N ALA C 44 -24.28 -5.95 -19.81
CA ALA C 44 -22.90 -6.04 -20.27
C ALA C 44 -22.76 -7.04 -21.40
N ALA C 45 -23.58 -8.10 -21.40
CA ALA C 45 -23.51 -9.10 -22.45
C ALA C 45 -24.17 -8.64 -23.74
N HIS C 46 -24.82 -7.50 -23.74
CA HIS C 46 -25.43 -6.92 -24.93
C HIS C 46 -24.78 -5.61 -25.35
N HIS C 47 -23.97 -5.01 -24.49
CA HIS C 47 -23.39 -3.71 -24.77
C HIS C 47 -22.41 -3.77 -25.95
N LYS C 48 -22.51 -2.79 -26.85
CA LYS C 48 -21.64 -2.76 -28.02
C LYS C 48 -20.18 -2.57 -27.61
N GLU C 49 -19.88 -1.45 -26.95
CA GLU C 49 -18.56 -1.15 -26.38
C GLU C 49 -17.52 -1.20 -27.49
N THR C 50 -16.45 -2.00 -27.38
CA THR C 50 -15.34 -1.94 -28.32
C THR C 50 -15.60 -2.71 -29.61
N TRP C 51 -16.58 -3.60 -29.64
CA TRP C 51 -16.84 -4.44 -30.80
C TRP C 51 -17.93 -3.84 -31.67
N PRO C 52 -18.06 -4.33 -32.90
CA PRO C 52 -19.16 -3.85 -33.77
C PRO C 52 -20.55 -4.00 -33.18
N ASP C 53 -20.73 -4.90 -32.20
CA ASP C 53 -22.05 -5.11 -31.63
C ASP C 53 -21.90 -5.83 -30.31
N GLY C 54 -23.02 -6.12 -29.67
CA GLY C 54 -22.99 -6.78 -28.39
C GLY C 54 -22.57 -8.23 -28.50
N HIS C 55 -22.14 -8.77 -27.36
CA HIS C 55 -21.64 -10.13 -27.30
C HIS C 55 -22.70 -11.13 -27.75
N ILE C 56 -23.92 -11.02 -27.23
CA ILE C 56 -24.95 -11.98 -27.58
C ILE C 56 -25.38 -11.82 -29.04
N GLU C 57 -25.52 -10.57 -29.51
CA GLU C 57 -25.95 -10.35 -30.89
C GLU C 57 -24.94 -10.95 -31.87
N LEU C 58 -23.65 -10.81 -31.58
CA LEU C 58 -22.66 -11.39 -32.48
C LEU C 58 -22.79 -12.91 -32.52
N LEU C 59 -22.95 -13.55 -31.37
CA LEU C 59 -23.11 -14.99 -31.37
C LEU C 59 -24.37 -15.39 -32.15
N HIS C 60 -25.45 -14.60 -32.03
CA HIS C 60 -26.63 -14.85 -32.85
C HIS C 60 -26.33 -14.63 -34.32
N ASN C 61 -25.69 -13.51 -34.66
CA ASN C 61 -25.36 -13.26 -36.07
C ASN C 61 -24.54 -14.41 -36.64
N HIS C 62 -23.65 -15.00 -35.83
CA HIS C 62 -22.77 -16.06 -36.31
C HIS C 62 -23.39 -17.45 -36.21
N GLY C 63 -24.59 -17.56 -35.67
CA GLY C 63 -25.22 -18.86 -35.54
C GLY C 63 -24.65 -19.72 -34.44
N THR C 64 -23.94 -19.13 -33.49
CA THR C 64 -23.49 -19.88 -32.33
C THR C 64 -24.64 -20.04 -31.35
N ASP C 65 -24.90 -21.27 -30.95
CA ASP C 65 -26.02 -21.51 -30.04
C ASP C 65 -25.60 -21.29 -28.59
N MET C 66 -24.41 -21.73 -28.19
CA MET C 66 -23.96 -21.56 -26.82
C MET C 66 -22.46 -21.32 -26.82
N GLN C 67 -21.96 -20.68 -25.76
CA GLN C 67 -20.54 -20.40 -25.65
C GLN C 67 -20.09 -20.62 -24.21
N LEU C 68 -18.95 -21.28 -24.06
CA LEU C 68 -18.35 -21.44 -22.76
C LEU C 68 -17.55 -20.18 -22.48
N ILE C 69 -17.94 -19.43 -21.45
CA ILE C 69 -17.26 -18.18 -21.13
C ILE C 69 -16.41 -18.36 -19.88
N SER C 70 -15.19 -17.88 -19.97
CA SER C 70 -14.17 -17.92 -18.94
C SER C 70 -13.70 -16.50 -18.66
N PRO C 71 -12.85 -16.29 -17.65
CA PRO C 71 -12.33 -14.94 -17.41
C PRO C 71 -11.59 -14.39 -18.63
N ARG C 72 -11.51 -13.06 -18.70
CA ARG C 72 -10.61 -12.41 -19.68
C ARG C 72 -9.18 -12.63 -19.19
N PRO C 73 -8.41 -13.51 -19.82
CA PRO C 73 -7.16 -13.93 -19.20
C PRO C 73 -6.16 -12.80 -18.96
N PHE C 74 -6.07 -11.83 -19.87
CA PHE C 74 -5.05 -10.80 -19.72
C PHE C 74 -5.32 -9.86 -18.56
N GLN C 75 -6.47 -9.96 -17.92
CA GLN C 75 -6.77 -9.20 -16.72
C GLN C 75 -6.44 -9.94 -15.42
N MET C 76 -6.01 -11.19 -15.47
CA MET C 76 -5.99 -12.01 -14.25
C MET C 76 -4.73 -11.86 -13.40
N MET C 77 -3.75 -11.08 -13.86
CA MET C 77 -2.67 -10.54 -13.03
C MET C 77 -2.08 -11.57 -12.07
N ASN C 78 -1.69 -12.73 -12.62
CA ASN C 78 -1.19 -13.83 -11.81
C ASN C 78 0.17 -13.51 -11.16
N SER C 79 0.89 -12.49 -11.65
CA SER C 79 2.16 -12.06 -11.10
C SER C 79 2.04 -10.88 -10.15
N ALA C 80 0.82 -10.44 -9.85
CA ALA C 80 0.64 -9.23 -9.05
C ALA C 80 0.85 -9.53 -7.58
N LYS C 81 1.16 -8.48 -6.84
CA LYS C 81 1.34 -8.56 -5.38
C LYS C 81 0.40 -7.57 -4.71
N PRO C 82 -0.08 -7.88 -3.49
CA PRO C 82 0.15 -9.10 -2.71
C PRO C 82 -0.68 -10.25 -3.24
N ALA C 83 -0.30 -11.49 -2.90
CA ALA C 83 -0.97 -12.67 -3.43
C ALA C 83 -2.48 -12.62 -3.21
N ARG C 84 -2.93 -12.01 -2.10
CA ARG C 84 -4.36 -12.10 -1.80
C ARG C 84 -5.21 -11.38 -2.84
N VAL C 85 -4.69 -10.35 -3.52
CA VAL C 85 -5.55 -9.68 -4.50
C VAL C 85 -5.73 -10.56 -5.72
N VAL C 86 -4.75 -11.42 -6.04
CA VAL C 86 -4.90 -12.35 -7.16
C VAL C 86 -6.04 -13.33 -6.87
N HIS C 87 -6.04 -13.88 -5.66
CA HIS C 87 -7.09 -14.80 -5.25
C HIS C 87 -8.44 -14.10 -5.23
N TRP C 88 -8.51 -12.92 -4.60
CA TRP C 88 -9.79 -12.25 -4.48
C TRP C 88 -10.37 -11.91 -5.85
N PHE C 89 -9.55 -11.34 -6.72
CA PHE C 89 -10.06 -10.97 -8.04
C PHE C 89 -10.54 -12.20 -8.80
N CYS C 90 -9.73 -13.26 -8.80
CA CYS C 90 -10.15 -14.48 -9.50
C CYS C 90 -11.51 -14.95 -8.99
N GLU C 91 -11.70 -14.94 -7.66
CA GLU C 91 -12.96 -15.37 -7.09
C GLU C 91 -14.11 -14.48 -7.53
N GLU C 92 -13.90 -13.15 -7.55
CA GLU C 92 -14.96 -12.26 -7.98
C GLU C 92 -15.32 -12.47 -9.45
N VAL C 93 -14.32 -12.67 -10.32
CA VAL C 93 -14.61 -12.94 -11.73
C VAL C 93 -15.44 -14.21 -11.85
N ASN C 94 -15.00 -15.29 -11.21
CA ASN C 94 -15.75 -16.54 -11.26
C ASN C 94 -17.18 -16.37 -10.75
N THR C 95 -17.37 -15.64 -9.65
CA THR C 95 -18.72 -15.39 -9.15
C THR C 95 -19.55 -14.65 -10.20
N LEU C 96 -18.94 -13.68 -10.88
CA LEU C 96 -19.70 -12.91 -11.85
C LEU C 96 -20.06 -13.75 -13.06
N ILE C 97 -19.16 -14.63 -13.50
CA ILE C 97 -19.47 -15.52 -14.61
C ILE C 97 -20.60 -16.48 -14.23
N HIS C 98 -20.57 -17.01 -13.01
CA HIS C 98 -21.68 -17.84 -12.54
C HIS C 98 -23.00 -17.06 -12.65
N ARG C 99 -23.02 -15.83 -12.14
CA ARG C 99 -24.25 -15.05 -12.20
C ARG C 99 -24.70 -14.81 -13.63
N GLN C 100 -23.78 -14.45 -14.52
CA GLN C 100 -24.18 -14.16 -15.89
C GLN C 100 -24.73 -15.41 -16.59
N CYS C 101 -24.11 -16.58 -16.36
CA CYS C 101 -24.62 -17.82 -16.92
C CYS C 101 -25.94 -18.22 -16.30
N THR C 102 -26.12 -17.95 -15.00
CA THR C 102 -27.41 -18.19 -14.36
C THR C 102 -28.48 -17.29 -14.97
N LEU C 103 -28.13 -16.04 -15.26
CA LEU C 103 -29.10 -15.09 -15.77
C LEU C 103 -29.41 -15.32 -17.26
N ILE C 104 -28.47 -15.87 -18.01
CA ILE C 104 -28.62 -16.08 -19.45
C ILE C 104 -28.23 -17.52 -19.79
N PRO C 105 -28.95 -18.51 -19.25
CA PRO C 105 -28.49 -19.92 -19.39
C PRO C 105 -28.68 -20.51 -20.78
N GLU C 106 -29.44 -19.87 -21.67
CA GLU C 106 -29.59 -20.35 -23.02
C GLU C 106 -28.40 -19.97 -23.90
N MET C 107 -27.49 -19.18 -23.38
CA MET C 107 -26.37 -18.71 -24.16
C MET C 107 -25.01 -19.09 -23.55
N PHE C 108 -24.86 -19.00 -22.23
CA PHE C 108 -23.53 -19.04 -21.62
C PHE C 108 -23.37 -20.20 -20.64
N ILE C 109 -22.24 -20.88 -20.76
CA ILE C 109 -21.84 -21.97 -19.89
C ILE C 109 -20.56 -21.58 -19.15
N PRO C 110 -20.46 -21.82 -17.84
CA PRO C 110 -19.37 -21.25 -17.04
C PRO C 110 -18.07 -22.07 -17.08
N VAL C 111 -16.96 -21.39 -17.34
CA VAL C 111 -15.63 -21.97 -17.22
C VAL C 111 -14.83 -21.06 -16.29
N ALA C 112 -14.04 -21.65 -15.39
CA ALA C 112 -13.49 -20.92 -14.26
C ALA C 112 -12.04 -20.50 -14.49
N GLY C 113 -11.68 -19.39 -13.87
CA GLY C 113 -10.29 -19.05 -13.70
C GLY C 113 -9.72 -19.75 -12.49
N LEU C 114 -8.43 -20.06 -12.55
CA LEU C 114 -7.73 -20.56 -11.36
C LEU C 114 -6.98 -19.42 -10.71
N PRO C 115 -6.98 -19.31 -9.34
CA PRO C 115 -6.24 -18.21 -8.67
C PRO C 115 -4.75 -18.52 -8.53
N GLN C 116 -4.09 -18.68 -9.68
CA GLN C 116 -2.66 -18.98 -9.74
C GLN C 116 -1.86 -17.75 -9.37
N VAL C 117 -1.13 -17.87 -8.26
CA VAL C 117 -0.19 -16.85 -7.83
C VAL C 117 1.20 -17.39 -8.15
N ALA C 118 1.97 -16.64 -8.94
CA ALA C 118 3.32 -17.05 -9.28
C ALA C 118 4.07 -17.45 -8.03
N GLY C 119 4.59 -18.68 -8.02
CA GLY C 119 5.37 -19.17 -6.91
C GLY C 119 4.61 -19.97 -5.88
N GLU C 120 3.28 -19.91 -5.88
CA GLU C 120 2.55 -20.65 -4.88
C GLU C 120 2.39 -22.10 -5.32
N PRO C 121 2.36 -23.04 -4.38
CA PRO C 121 2.02 -24.41 -4.76
C PRO C 121 0.64 -24.48 -5.40
N ILE C 122 0.51 -25.39 -6.38
CA ILE C 122 -0.73 -25.45 -7.15
C ILE C 122 -1.91 -25.81 -6.26
N GLU C 123 -1.69 -26.49 -5.13
CA GLU C 123 -2.80 -26.84 -4.26
C GLU C 123 -3.55 -25.60 -3.75
N ASN C 124 -2.97 -24.42 -3.84
CA ASN C 124 -3.64 -23.22 -3.36
C ASN C 124 -4.82 -22.83 -4.25
N VAL C 125 -4.99 -23.46 -5.42
CA VAL C 125 -6.16 -23.20 -6.25
C VAL C 125 -7.31 -24.18 -5.98
N PHE C 126 -7.14 -25.14 -5.06
CA PHE C 126 -8.11 -26.23 -4.95
C PHE C 126 -9.41 -25.76 -4.29
N ALA C 127 -9.32 -24.92 -3.27
CA ALA C 127 -10.52 -24.41 -2.62
C ALA C 127 -11.43 -23.72 -3.64
N GLU C 128 -10.86 -22.87 -4.49
CA GLU C 128 -11.69 -22.18 -5.48
C GLU C 128 -12.23 -23.13 -6.54
N MET C 129 -11.43 -24.13 -6.93
CA MET C 129 -11.93 -25.17 -7.82
C MET C 129 -13.16 -25.86 -7.23
N ASP C 130 -13.08 -26.27 -5.97
CA ASP C 130 -14.24 -26.90 -5.32
C ASP C 130 -15.45 -25.97 -5.32
N ARG C 131 -15.25 -24.68 -5.10
CA ARG C 131 -16.38 -23.75 -5.11
C ARG C 131 -16.98 -23.66 -6.50
N CYS C 132 -16.14 -23.60 -7.52
CA CYS C 132 -16.64 -23.53 -8.89
C CYS C 132 -17.36 -24.82 -9.27
N VAL C 133 -16.83 -25.97 -8.85
CA VAL C 133 -17.55 -27.22 -9.07
C VAL C 133 -18.95 -27.16 -8.46
N SER C 134 -19.06 -26.65 -7.24
CA SER C 134 -20.37 -26.52 -6.61
C SER C 134 -21.28 -25.58 -7.37
N MET C 135 -20.71 -24.57 -8.04
CA MET C 135 -21.49 -23.61 -8.82
C MET C 135 -21.82 -24.10 -10.22
N GLY C 136 -21.38 -25.29 -10.61
CA GLY C 136 -21.70 -25.82 -11.92
C GLY C 136 -20.69 -25.54 -13.02
N PHE C 137 -19.48 -25.11 -12.68
CA PHE C 137 -18.47 -24.84 -13.70
C PHE C 137 -18.03 -26.14 -14.36
N LYS C 138 -17.61 -26.02 -15.63
CA LYS C 138 -17.40 -27.17 -16.50
C LYS C 138 -15.97 -27.31 -16.97
N GLY C 139 -15.06 -26.48 -16.47
CA GLY C 139 -13.67 -26.55 -16.85
C GLY C 139 -12.92 -25.42 -16.18
N PHE C 140 -11.60 -25.40 -16.40
CA PHE C 140 -10.70 -24.45 -15.76
C PHE C 140 -9.65 -23.97 -16.75
N LEU C 141 -9.45 -22.65 -16.80
CA LEU C 141 -8.31 -22.12 -17.53
C LEU C 141 -7.04 -22.42 -16.74
N LEU C 142 -6.03 -22.96 -17.43
CA LEU C 142 -4.76 -23.29 -16.79
C LEU C 142 -3.68 -22.44 -17.42
N ASN C 143 -2.96 -21.69 -16.58
CA ASN C 143 -1.96 -20.75 -17.06
C ASN C 143 -0.58 -21.36 -16.84
N PRO C 144 0.16 -21.70 -17.91
CA PRO C 144 1.52 -22.23 -17.73
C PRO C 144 2.53 -21.18 -17.31
N ASP C 145 2.18 -19.90 -17.35
CA ASP C 145 3.10 -18.83 -17.01
C ASP C 145 2.42 -17.82 -16.08
N PRO C 146 2.18 -18.21 -14.83
CA PRO C 146 1.68 -17.24 -13.86
C PRO C 146 2.68 -16.12 -13.54
N TYR C 147 3.97 -16.27 -13.92
CA TYR C 147 4.94 -15.19 -13.78
C TYR C 147 4.77 -14.10 -14.84
N GLU C 148 3.93 -14.34 -15.85
CA GLU C 148 3.52 -13.34 -16.85
C GLU C 148 4.74 -12.69 -17.53
N ASN C 149 5.57 -13.57 -18.11
CA ASN C 149 6.73 -13.17 -18.88
C ASN C 149 7.63 -12.26 -18.05
N GLY C 150 8.00 -12.75 -16.87
CA GLY C 150 8.85 -12.02 -15.96
C GLY C 150 10.27 -12.56 -15.96
N ALA C 151 11.02 -12.14 -14.93
CA ALA C 151 12.40 -12.59 -14.81
C ALA C 151 12.49 -14.08 -14.48
N GLU C 152 11.46 -14.63 -13.85
CA GLU C 152 11.38 -16.03 -13.47
C GLU C 152 10.25 -16.70 -14.23
N GLU C 153 10.18 -18.02 -14.11
CA GLU C 153 9.15 -18.80 -14.78
C GLU C 153 8.77 -19.96 -13.88
N ALA C 154 7.61 -20.56 -14.15
CA ALA C 154 7.13 -21.72 -13.42
C ALA C 154 7.81 -22.98 -13.95
N PRO C 155 7.66 -24.11 -13.25
CA PRO C 155 8.15 -25.36 -13.79
C PRO C 155 7.41 -25.73 -15.05
N PRO C 156 8.04 -26.49 -15.96
CA PRO C 156 7.29 -26.99 -17.12
C PRO C 156 6.11 -27.85 -16.68
N LEU C 157 5.15 -28.00 -17.59
CA LEU C 157 3.93 -28.71 -17.22
C LEU C 157 4.17 -30.17 -16.89
N GLY C 158 5.31 -30.75 -17.27
CA GLY C 158 5.64 -32.12 -16.91
C GLY C 158 6.18 -32.29 -15.50
N ASP C 159 6.51 -31.19 -14.83
CA ASP C 159 7.06 -31.24 -13.50
C ASP C 159 6.02 -31.69 -12.48
N ARG C 160 6.48 -32.38 -11.45
CA ARG C 160 5.57 -32.84 -10.39
C ARG C 160 4.90 -31.69 -9.64
N TYR C 161 5.41 -30.46 -9.76
CA TYR C 161 4.72 -29.30 -9.18
C TYR C 161 3.26 -29.25 -9.61
N TRP C 162 2.95 -29.70 -10.83
CA TRP C 162 1.59 -29.65 -11.35
C TRP C 162 0.82 -30.94 -11.10
N TYR C 163 1.48 -32.02 -10.70
CA TYR C 163 0.80 -33.30 -10.61
C TYR C 163 -0.41 -33.27 -9.68
N PRO C 164 -0.39 -32.57 -8.54
CA PRO C 164 -1.62 -32.49 -7.73
C PRO C 164 -2.81 -31.96 -8.50
N LEU C 165 -2.60 -30.98 -9.39
CA LEU C 165 -3.70 -30.43 -10.17
C LEU C 165 -4.25 -31.46 -11.16
N TYR C 166 -3.36 -32.17 -11.86
CA TYR C 166 -3.80 -33.19 -12.80
C TYR C 166 -4.60 -34.27 -12.08
N GLU C 167 -4.14 -34.68 -10.91
CA GLU C 167 -4.90 -35.65 -10.12
C GLU C 167 -6.31 -35.13 -9.84
N LYS C 168 -6.43 -33.89 -9.38
CA LYS C 168 -7.76 -33.35 -9.07
C LYS C 168 -8.62 -33.27 -10.32
N LEU C 169 -8.06 -32.81 -11.44
CA LEU C 169 -8.85 -32.74 -12.68
C LEU C 169 -9.38 -34.11 -13.08
N CYS C 170 -8.58 -35.15 -12.89
CA CYS C 170 -9.05 -36.51 -13.17
C CYS C 170 -10.11 -36.94 -12.17
N GLU C 171 -9.96 -36.59 -10.89
CA GLU C 171 -11.02 -36.87 -9.92
C GLU C 171 -12.33 -36.24 -10.35
N LEU C 172 -12.29 -34.96 -10.75
CA LEU C 172 -13.49 -34.26 -11.18
C LEU C 172 -13.94 -34.66 -12.58
N ASP C 173 -13.05 -35.28 -13.36
CA ASP C 173 -13.26 -35.49 -14.80
C ASP C 173 -13.65 -34.20 -15.50
N LEU C 174 -12.87 -33.14 -15.24
CA LEU C 174 -13.09 -31.85 -15.88
C LEU C 174 -11.80 -31.38 -16.57
N PRO C 175 -11.91 -30.61 -17.64
CA PRO C 175 -10.73 -30.27 -18.43
C PRO C 175 -10.00 -29.03 -17.92
N ALA C 176 -8.72 -29.00 -18.22
CA ALA C 176 -7.94 -27.79 -18.20
C ALA C 176 -7.90 -27.25 -19.62
N HIS C 177 -8.12 -25.94 -19.75
CA HIS C 177 -8.05 -25.22 -21.02
C HIS C 177 -6.83 -24.32 -20.95
N ILE C 178 -5.74 -24.72 -21.62
CA ILE C 178 -4.47 -23.99 -21.55
C ILE C 178 -4.66 -22.57 -22.05
N HIS C 179 -4.30 -21.60 -21.22
CA HIS C 179 -4.41 -20.19 -21.61
C HIS C 179 -3.47 -19.37 -20.74
N ALA C 180 -2.52 -18.66 -21.38
CA ALA C 180 -1.68 -17.73 -20.64
C ALA C 180 -2.49 -16.47 -20.30
N THR C 181 -1.92 -15.64 -19.43
CA THR C 181 -2.56 -14.39 -19.02
C THR C 181 -1.74 -13.24 -19.60
N GLY C 182 -1.39 -12.23 -18.82
CA GLY C 182 -0.67 -11.09 -19.35
C GLY C 182 0.80 -11.38 -19.57
N SER C 183 1.50 -10.33 -20.02
CA SER C 183 2.92 -10.40 -20.34
C SER C 183 3.60 -9.09 -19.98
N GLN C 184 4.67 -9.17 -19.20
CA GLN C 184 5.44 -8.00 -18.81
C GLN C 184 6.50 -7.58 -19.85
N SER C 185 6.52 -8.20 -21.01
CA SER C 185 7.57 -7.95 -21.99
C SER C 185 7.19 -6.80 -22.92
N GLU C 186 8.16 -5.96 -23.23
CA GLU C 186 7.99 -4.97 -24.28
C GLU C 186 8.13 -5.57 -25.67
N ARG C 187 8.80 -6.73 -25.81
CA ARG C 187 8.93 -7.34 -27.13
C ARG C 187 7.71 -8.14 -27.52
N SER C 188 7.10 -8.78 -26.52
CA SER C 188 6.10 -9.82 -26.70
C SER C 188 4.84 -9.41 -25.96
N PRO C 189 3.94 -8.63 -26.58
CA PRO C 189 2.66 -8.29 -25.95
C PRO C 189 1.74 -9.49 -25.80
N TYR C 190 0.70 -9.30 -24.98
CA TYR C 190 -0.04 -10.45 -24.45
C TYR C 190 -0.66 -11.29 -25.57
N SER C 191 -1.11 -10.67 -26.66
CA SER C 191 -1.76 -11.46 -27.69
C SER C 191 -0.77 -12.39 -28.39
N LEU C 192 0.49 -11.98 -28.45
CA LEU C 192 1.54 -12.85 -28.97
C LEU C 192 2.00 -13.84 -27.91
N HIS C 193 2.13 -13.38 -26.66
CA HIS C 193 2.54 -14.23 -25.57
C HIS C 193 1.64 -15.45 -25.44
N PHE C 194 0.32 -15.26 -25.64
CA PHE C 194 -0.62 -16.38 -25.68
C PHE C 194 -0.09 -17.52 -26.53
N ILE C 195 0.31 -17.19 -27.74
CA ILE C 195 0.72 -18.19 -28.70
C ILE C 195 1.98 -18.90 -28.24
N ASN C 196 2.98 -18.13 -27.80
CA ASN C 196 4.25 -18.75 -27.43
C ASN C 196 4.05 -19.66 -26.23
N GLU C 197 3.17 -19.27 -25.31
CA GLU C 197 2.96 -20.08 -24.13
C GLU C 197 2.20 -21.34 -24.45
N GLU C 198 1.24 -21.26 -25.39
CA GLU C 198 0.57 -22.46 -25.85
C GLU C 198 1.58 -23.42 -26.46
N THR C 199 2.58 -22.89 -27.16
CA THR C 199 3.57 -23.75 -27.78
C THR C 199 4.40 -24.46 -26.71
N ILE C 200 4.85 -23.71 -25.70
CA ILE C 200 5.66 -24.29 -24.63
C ILE C 200 4.84 -25.33 -23.87
N ALA C 201 3.62 -24.97 -23.48
CA ALA C 201 2.77 -25.87 -22.71
C ALA C 201 2.55 -27.16 -23.48
N THR C 202 2.23 -27.06 -24.76
CA THR C 202 2.01 -28.24 -25.56
C THR C 202 3.27 -29.07 -25.68
N TYR C 203 4.41 -28.41 -25.94
CA TYR C 203 5.67 -29.13 -26.02
C TYR C 203 5.96 -29.86 -24.71
N ASN C 204 5.80 -29.18 -23.57
CA ASN C 204 6.04 -29.84 -22.29
C ASN C 204 5.18 -31.09 -22.15
N LEU C 205 3.88 -30.98 -22.47
CA LEU C 205 2.97 -32.11 -22.28
C LEU C 205 3.29 -33.26 -23.21
N CYS C 206 3.88 -32.99 -24.37
CA CYS C 206 4.14 -34.04 -25.34
C CYS C 206 5.55 -34.62 -25.22
N THR C 207 6.40 -34.05 -24.34
CA THR C 207 7.74 -34.57 -24.09
C THR C 207 7.90 -35.01 -22.63
N SER C 208 6.82 -35.22 -21.89
CA SER C 208 6.86 -35.64 -20.50
C SER C 208 5.93 -36.84 -20.32
N SER C 209 5.82 -37.31 -19.07
CA SER C 209 5.05 -38.50 -18.72
C SER C 209 3.64 -38.20 -18.25
N VAL C 210 3.17 -36.95 -18.40
CA VAL C 210 1.87 -36.56 -17.88
C VAL C 210 0.79 -37.55 -18.32
N PHE C 211 0.69 -37.80 -19.62
CA PHE C 211 -0.39 -38.65 -20.08
C PHE C 211 -0.14 -40.12 -19.81
N ASP C 212 1.12 -40.52 -19.59
CA ASP C 212 1.36 -41.86 -19.06
C ASP C 212 0.81 -41.97 -17.65
N ASP C 213 1.00 -40.93 -16.84
CA ASP C 213 0.58 -40.96 -15.44
C ASP C 213 -0.88 -40.57 -15.24
N PHE C 214 -1.46 -39.82 -16.18
CA PHE C 214 -2.87 -39.38 -16.12
C PHE C 214 -3.54 -39.61 -17.46
N PRO C 215 -3.77 -40.88 -17.82
CA PRO C 215 -4.30 -41.19 -19.16
C PRO C 215 -5.64 -40.55 -19.46
N GLN C 216 -6.47 -40.28 -18.45
CA GLN C 216 -7.78 -39.70 -18.67
C GLN C 216 -7.79 -38.18 -18.49
N LEU C 217 -6.63 -37.56 -18.25
CA LEU C 217 -6.59 -36.11 -18.14
C LEU C 217 -7.05 -35.47 -19.44
N LYS C 218 -7.94 -34.48 -19.32
CA LYS C 218 -8.48 -33.75 -20.46
C LYS C 218 -7.86 -32.35 -20.50
N VAL C 219 -7.17 -32.05 -21.59
CA VAL C 219 -6.52 -30.76 -21.80
C VAL C 219 -6.94 -30.23 -23.16
N VAL C 220 -7.43 -29.00 -23.20
CA VAL C 220 -7.73 -28.30 -24.46
C VAL C 220 -6.71 -27.19 -24.60
N VAL C 221 -5.99 -27.15 -25.73
CA VAL C 221 -4.99 -26.12 -25.96
C VAL C 221 -5.61 -25.02 -26.81
N SER C 222 -5.51 -23.78 -26.33
CA SER C 222 -6.09 -22.64 -27.00
C SER C 222 -5.39 -22.33 -28.32
N HIS C 223 -6.14 -21.67 -29.21
CA HIS C 223 -5.60 -21.10 -30.45
C HIS C 223 -4.89 -22.15 -31.30
N GLY C 224 -5.58 -23.27 -31.51
CA GLY C 224 -5.08 -24.31 -32.37
C GLY C 224 -3.66 -24.76 -32.03
N GLY C 225 -3.29 -24.66 -30.75
CA GLY C 225 -2.02 -25.20 -30.29
C GLY C 225 -0.82 -24.30 -30.43
N GLY C 226 -1.01 -22.99 -30.47
CA GLY C 226 0.08 -22.06 -30.68
C GLY C 226 0.76 -22.30 -32.02
N ALA C 227 2.04 -22.70 -31.96
CA ALA C 227 2.83 -23.01 -33.14
C ALA C 227 2.85 -24.50 -33.49
N ILE C 228 2.37 -25.36 -32.59
CA ILE C 228 2.78 -26.77 -32.66
C ILE C 228 2.32 -27.49 -33.94
N PRO C 229 1.04 -27.43 -34.33
CA PRO C 229 0.65 -28.17 -35.54
C PRO C 229 1.45 -27.76 -36.75
N TYR C 230 1.82 -26.48 -36.83
CA TYR C 230 2.64 -25.95 -37.91
C TYR C 230 4.10 -26.42 -37.78
N GLN C 231 4.63 -26.48 -36.56
CA GLN C 231 6.02 -26.81 -36.35
C GLN C 231 6.22 -28.26 -35.92
N LEU C 232 5.21 -29.11 -36.10
CA LEU C 232 5.20 -30.44 -35.49
C LEU C 232 6.38 -31.27 -35.96
N GLY C 233 6.75 -31.14 -37.23
CA GLY C 233 7.79 -31.99 -37.79
C GLY C 233 9.08 -31.98 -36.99
N ARG C 234 9.55 -30.80 -36.61
CA ARG C 234 10.85 -30.72 -35.95
C ARG C 234 10.80 -31.35 -34.56
N PHE C 235 9.67 -31.23 -33.86
CA PHE C 235 9.56 -31.82 -32.53
C PHE C 235 9.38 -33.33 -32.61
N GLU C 236 8.60 -33.80 -33.59
CA GLU C 236 8.48 -35.23 -33.81
C GLU C 236 9.86 -35.85 -34.10
N SER C 237 10.64 -35.21 -34.97
CA SER C 237 11.96 -35.74 -35.33
C SER C 237 12.84 -35.95 -34.10
N GLN C 238 12.88 -34.98 -33.19
CA GLN C 238 13.80 -35.10 -32.06
C GLN C 238 13.28 -36.03 -30.97
N SER C 239 12.02 -36.47 -31.05
CA SER C 239 11.43 -37.35 -30.06
C SER C 239 11.66 -38.83 -30.36
N ARG C 240 12.31 -39.15 -31.46
CA ARG C 240 12.36 -40.55 -31.89
C ARG C 240 13.21 -41.42 -30.97
N ARG C 241 14.00 -40.85 -30.07
CA ARG C 241 14.79 -41.64 -29.12
C ARG C 241 14.23 -41.55 -27.71
N SER C 242 12.93 -41.31 -27.58
CA SER C 242 12.28 -41.14 -26.28
C SER C 242 11.26 -42.24 -26.03
N LYS C 243 10.76 -42.27 -24.80
CA LYS C 243 9.72 -43.21 -24.36
C LYS C 243 8.62 -43.33 -25.40
N HIS C 244 7.98 -42.21 -25.74
CA HIS C 244 6.96 -42.17 -26.77
C HIS C 244 7.25 -41.03 -27.73
N LEU C 245 6.77 -41.16 -28.96
CA LEU C 245 6.89 -40.09 -29.94
C LEU C 245 6.10 -38.86 -29.48
N PHE C 246 6.54 -37.69 -29.96
CA PHE C 246 5.79 -36.46 -29.71
C PHE C 246 4.35 -36.62 -30.16
N SER C 247 4.14 -37.18 -31.34
CA SER C 247 2.80 -37.34 -31.88
C SER C 247 1.96 -38.30 -31.03
N GLU C 248 2.58 -39.27 -30.37
CA GLU C 248 1.82 -40.23 -29.58
C GLU C 248 1.24 -39.58 -28.33
N ARG C 249 1.97 -38.65 -27.73
CA ARG C 249 1.40 -37.93 -26.60
C ARG C 249 0.47 -36.83 -27.09
N MET C 250 0.80 -36.20 -28.23
CA MET C 250 -0.05 -35.15 -28.76
C MET C 250 -1.44 -35.68 -29.11
N ALA C 251 -1.55 -36.97 -29.47
CA ALA C 251 -2.84 -37.57 -29.80
C ALA C 251 -3.82 -37.51 -28.63
N LYS C 252 -3.32 -37.34 -27.41
CA LYS C 252 -4.18 -37.23 -26.23
C LYS C 252 -4.79 -35.83 -26.08
N LEU C 253 -4.19 -34.82 -26.68
CA LEU C 253 -4.62 -33.45 -26.48
C LEU C 253 -5.82 -33.08 -27.34
N TYR C 254 -6.64 -32.19 -26.83
CA TYR C 254 -7.65 -31.52 -27.64
C TYR C 254 -7.15 -30.11 -27.93
N PHE C 255 -7.67 -29.54 -29.01
CA PHE C 255 -7.25 -28.25 -29.52
C PHE C 255 -8.49 -27.46 -29.91
N ASP C 256 -8.58 -26.20 -29.49
CA ASP C 256 -9.69 -25.39 -29.99
C ASP C 256 -9.28 -24.74 -31.32
N THR C 257 -10.30 -24.30 -32.06
CA THR C 257 -10.11 -23.78 -33.42
C THR C 257 -10.07 -22.26 -33.47
N VAL C 258 -9.51 -21.60 -32.45
CA VAL C 258 -9.43 -20.15 -32.50
C VAL C 258 -8.25 -19.80 -33.39
N LEU C 259 -8.50 -19.85 -34.69
CA LEU C 259 -7.60 -19.48 -35.78
C LEU C 259 -8.43 -18.75 -36.81
N TYR C 260 -7.91 -17.62 -37.31
CA TYR C 260 -8.71 -16.72 -38.14
C TYR C 260 -8.30 -16.72 -39.61
N THR C 261 -7.58 -17.75 -40.06
CA THR C 261 -7.36 -17.97 -41.49
C THR C 261 -7.82 -19.37 -41.87
N GLU C 262 -8.39 -19.50 -43.07
CA GLU C 262 -8.86 -20.81 -43.53
C GLU C 262 -7.70 -21.82 -43.60
N GLY C 263 -6.53 -21.40 -44.11
CA GLY C 263 -5.43 -22.34 -44.25
C GLY C 263 -4.97 -22.91 -42.92
N ALA C 264 -4.97 -22.09 -41.86
CA ALA C 264 -4.56 -22.58 -40.54
C ALA C 264 -5.59 -23.54 -39.97
N LEU C 265 -6.89 -23.23 -40.12
CA LEU C 265 -7.92 -24.16 -39.67
C LEU C 265 -7.79 -25.50 -40.39
N ARG C 266 -7.57 -25.47 -41.70
CA ARG C 266 -7.38 -26.70 -42.46
C ARG C 266 -6.18 -27.49 -41.92
N LEU C 267 -5.06 -26.80 -41.67
CA LEU C 267 -3.89 -27.52 -41.18
C LEU C 267 -4.15 -28.10 -39.79
N LEU C 268 -4.80 -27.34 -38.91
CA LEU C 268 -5.10 -27.86 -37.58
C LEU C 268 -5.89 -29.16 -37.67
N ILE C 269 -7.00 -29.15 -38.41
CA ILE C 269 -7.89 -30.30 -38.43
C ILE C 269 -7.24 -31.47 -39.15
N GLU C 270 -6.50 -31.22 -40.22
CA GLU C 270 -5.83 -32.33 -40.89
C GLU C 270 -4.72 -32.90 -40.02
N THR C 271 -4.11 -32.10 -39.15
CA THR C 271 -3.01 -32.56 -38.32
C THR C 271 -3.50 -33.39 -37.14
N VAL C 272 -4.47 -32.90 -36.37
CA VAL C 272 -4.93 -33.60 -35.18
C VAL C 272 -6.24 -34.34 -35.36
N GLY C 273 -6.95 -34.09 -36.46
CA GLY C 273 -8.19 -34.79 -36.76
C GLY C 273 -9.38 -34.14 -36.10
N PRO C 274 -10.58 -34.34 -36.68
CA PRO C 274 -11.79 -33.77 -36.08
C PRO C 274 -12.11 -34.37 -34.72
N GLU C 275 -11.57 -35.54 -34.40
CA GLU C 275 -11.84 -36.15 -33.10
C GLU C 275 -11.18 -35.40 -31.95
N ARG C 276 -10.29 -34.46 -32.25
CA ARG C 276 -9.58 -33.72 -31.21
C ARG C 276 -9.70 -32.21 -31.38
N CYS C 277 -10.59 -31.72 -32.24
CA CYS C 277 -10.77 -30.29 -32.44
C CYS C 277 -12.11 -29.84 -31.86
N LEU C 278 -12.08 -28.76 -31.07
CA LEU C 278 -13.28 -28.16 -30.52
C LEU C 278 -13.45 -26.77 -31.13
N PHE C 279 -14.60 -26.53 -31.76
CA PHE C 279 -14.86 -25.21 -32.32
C PHE C 279 -14.73 -24.15 -31.22
N GLY C 280 -13.96 -23.12 -31.49
CA GLY C 280 -13.87 -21.97 -30.60
C GLY C 280 -13.56 -20.76 -31.45
N SER C 281 -13.99 -19.58 -31.00
CA SER C 281 -13.79 -18.38 -31.80
C SER C 281 -13.25 -17.18 -31.04
N GLU C 282 -13.36 -17.12 -29.71
CA GLU C 282 -12.97 -15.94 -28.92
C GLU C 282 -13.78 -14.71 -29.29
N CYS C 283 -14.99 -14.91 -29.82
CA CYS C 283 -15.85 -13.81 -30.18
C CYS C 283 -16.68 -13.43 -28.97
N PRO C 284 -16.74 -12.13 -28.61
CA PRO C 284 -16.03 -11.00 -29.18
C PRO C 284 -14.61 -10.86 -28.62
N GLY C 285 -13.69 -10.38 -29.43
CA GLY C 285 -12.32 -10.24 -28.98
C GLY C 285 -11.35 -9.87 -30.09
N VAL C 286 -10.18 -10.51 -30.06
CA VAL C 286 -9.09 -10.15 -30.96
C VAL C 286 -9.54 -10.21 -32.41
N GLY C 287 -10.35 -11.20 -32.75
CA GLY C 287 -10.80 -11.43 -34.10
C GLY C 287 -12.04 -10.65 -34.50
N SER C 288 -12.51 -9.72 -33.66
CA SER C 288 -13.77 -9.02 -33.90
C SER C 288 -13.56 -7.77 -34.76
N THR C 289 -12.97 -8.00 -35.92
CA THR C 289 -12.82 -6.97 -36.95
C THR C 289 -13.34 -7.52 -38.26
N ILE C 290 -13.93 -6.63 -39.08
CA ILE C 290 -14.53 -7.06 -40.34
C ILE C 290 -13.43 -7.51 -41.29
N ASP C 291 -13.56 -8.72 -41.81
CA ASP C 291 -12.68 -9.19 -42.87
C ASP C 291 -13.13 -8.59 -44.20
N PRO C 292 -12.33 -7.74 -44.85
CA PRO C 292 -12.80 -7.09 -46.09
C PRO C 292 -13.22 -8.08 -47.15
N ALA C 293 -12.56 -9.24 -47.24
CA ALA C 293 -12.85 -10.22 -48.27
C ALA C 293 -14.21 -10.90 -48.10
N THR C 294 -14.77 -10.91 -46.89
CA THR C 294 -16.03 -11.58 -46.64
C THR C 294 -17.13 -10.66 -46.15
N GLY C 295 -16.83 -9.41 -45.79
CA GLY C 295 -17.81 -8.57 -45.15
C GLY C 295 -18.25 -9.04 -43.79
N LYS C 296 -17.59 -10.05 -43.22
CA LYS C 296 -17.94 -10.60 -41.92
C LYS C 296 -16.73 -10.50 -41.00
N GLN C 297 -16.98 -10.62 -39.70
CA GLN C 297 -15.89 -10.58 -38.73
C GLN C 297 -14.92 -11.74 -38.94
N MET C 298 -13.65 -11.51 -38.61
CA MET C 298 -12.66 -12.57 -38.78
C MET C 298 -12.93 -13.74 -37.84
N ASP C 299 -13.54 -13.48 -36.67
CA ASP C 299 -13.85 -14.59 -35.77
C ASP C 299 -15.13 -15.31 -36.15
N HIS C 300 -15.76 -14.95 -37.28
CA HIS C 300 -16.86 -15.75 -37.80
C HIS C 300 -16.23 -16.85 -38.66
N ILE C 301 -15.66 -17.84 -37.96
CA ILE C 301 -14.92 -18.90 -38.63
C ILE C 301 -15.75 -20.18 -38.84
N ALA C 302 -16.94 -20.27 -38.25
CA ALA C 302 -17.79 -21.43 -38.49
C ALA C 302 -17.94 -21.75 -39.97
N PRO C 303 -18.19 -20.79 -40.87
CA PRO C 303 -18.44 -21.16 -42.28
C PRO C 303 -17.25 -21.80 -42.97
N PHE C 304 -16.03 -21.43 -42.58
CA PHE C 304 -14.85 -22.11 -43.13
C PHE C 304 -14.94 -23.60 -42.86
N ILE C 305 -15.23 -23.97 -41.61
CA ILE C 305 -15.26 -25.38 -41.22
C ILE C 305 -16.42 -26.09 -41.89
N GLN C 306 -17.59 -25.45 -41.93
CA GLN C 306 -18.77 -26.06 -42.54
C GLN C 306 -18.56 -26.35 -44.01
N LYS C 307 -17.66 -25.63 -44.67
CA LYS C 307 -17.48 -25.77 -46.11
C LYS C 307 -16.28 -26.63 -46.49
N PHE C 308 -15.54 -27.16 -45.51
CA PHE C 308 -14.42 -28.06 -45.82
C PHE C 308 -14.96 -29.37 -46.40
N ASP C 309 -14.65 -29.64 -47.67
CA ASP C 309 -15.14 -30.84 -48.31
C ASP C 309 -14.53 -32.11 -47.75
N PHE C 310 -13.35 -32.02 -47.14
CA PHE C 310 -12.67 -33.23 -46.68
C PHE C 310 -13.20 -33.76 -45.35
N LEU C 311 -14.16 -33.07 -44.73
CA LEU C 311 -14.79 -33.51 -43.50
C LEU C 311 -16.20 -34.02 -43.77
N SER C 312 -16.57 -35.10 -43.10
CA SER C 312 -17.95 -35.57 -43.17
C SER C 312 -18.86 -34.69 -42.31
N ASP C 313 -20.17 -34.78 -42.56
CA ASP C 313 -21.09 -34.07 -41.69
C ASP C 313 -20.94 -34.54 -40.24
N ALA C 314 -20.62 -35.82 -40.04
CA ALA C 314 -20.35 -36.30 -38.68
C ALA C 314 -19.10 -35.64 -38.10
N ASP C 315 -18.04 -35.53 -38.91
CA ASP C 315 -16.84 -34.84 -38.47
C ASP C 315 -17.18 -33.44 -38.01
N LYS C 316 -18.00 -32.73 -38.79
CA LYS C 316 -18.34 -31.36 -38.43
C LYS C 316 -19.17 -31.32 -37.15
N LYS C 317 -20.02 -32.32 -36.92
CA LYS C 317 -20.75 -32.36 -35.65
C LYS C 317 -19.80 -32.56 -34.47
N LEU C 318 -18.74 -33.36 -34.62
CA LEU C 318 -17.74 -33.47 -33.56
C LEU C 318 -17.15 -32.10 -33.25
N ILE C 319 -16.72 -31.39 -34.29
CA ILE C 319 -16.04 -30.12 -34.09
C ILE C 319 -17.00 -29.10 -33.50
N PHE C 320 -18.23 -29.05 -33.98
CA PHE C 320 -19.12 -28.00 -33.53
C PHE C 320 -19.83 -28.31 -32.23
N GLU C 321 -19.92 -29.58 -31.83
CA GLU C 321 -20.87 -29.93 -30.78
C GLU C 321 -20.37 -31.05 -29.87
N ASP C 322 -20.14 -32.24 -30.45
CA ASP C 322 -20.00 -33.46 -29.63
C ASP C 322 -18.74 -33.43 -28.79
N ASN C 323 -17.63 -32.95 -29.34
CA ASN C 323 -16.39 -32.93 -28.57
C ASN C 323 -16.52 -32.03 -27.34
N ALA C 324 -17.12 -30.85 -27.50
CA ALA C 324 -17.27 -29.98 -26.33
C ALA C 324 -18.18 -30.62 -25.30
N ARG C 325 -19.25 -31.29 -25.75
CA ARG C 325 -20.13 -31.98 -24.81
C ARG C 325 -19.38 -33.02 -24.00
N LYS C 326 -18.52 -33.81 -24.65
CA LYS C 326 -17.78 -34.83 -23.93
C LYS C 326 -16.70 -34.20 -23.02
N VAL C 327 -15.96 -33.22 -23.54
CA VAL C 327 -14.78 -32.72 -22.82
C VAL C 327 -15.19 -31.87 -21.63
N PHE C 328 -16.22 -31.04 -21.79
CA PHE C 328 -16.69 -30.15 -20.73
C PHE C 328 -17.92 -30.71 -20.00
N ASN C 329 -18.24 -31.98 -20.20
CA ASN C 329 -19.30 -32.65 -19.42
C ASN C 329 -20.62 -31.89 -19.51
N LEU C 330 -21.01 -31.52 -20.73
CA LEU C 330 -22.23 -30.78 -20.95
C LEU C 330 -23.38 -31.76 -21.08
N GLU C 331 -24.37 -31.65 -20.19
CA GLU C 331 -25.55 -32.51 -20.22
C GLU C 331 -26.60 -31.96 -21.18
N VAL C 332 -27.60 -32.78 -21.48
CA VAL C 332 -28.70 -32.39 -22.35
C VAL C 332 -29.35 -31.13 -21.79
N GLU C 333 -29.18 -30.01 -22.50
CA GLU C 333 -29.75 -28.74 -22.11
C GLU C 333 -30.43 -28.07 -23.30
N ASN C 334 -29.65 -27.35 -24.10
CA ASN C 334 -30.19 -26.65 -25.26
C ASN C 334 -29.11 -25.87 -26.00
ZN ZN D . -6.02 13.49 -0.09
ZN ZN E . 14.90 7.68 22.86
ZN ZN F . -8.76 -16.63 -25.02
CL CL G . -8.06 -15.36 -26.17
#